data_8SIJ
#
_entry.id   8SIJ
#
_cell.length_a   98.589
_cell.length_b   98.589
_cell.length_c   278.515
_cell.angle_alpha   90.000
_cell.angle_beta   90.000
_cell.angle_gamma   90.000
#
_symmetry.space_group_name_H-M   'P 41 21 2'
#
loop_
_entity.id
_entity.type
_entity.pdbx_description
1 polymer 'Tryptophanase 1'
2 non-polymer "PYRIDOXAL-5'-PHOSPHATE"
3 non-polymer 'CHLORIDE ION'
4 non-polymer '[4-[[[2-(hydroxymethyl)-1,3-bis(oxidanyl)propan-2-yl]amino]methyl]-6-methyl-5-oxidanyl-pyridin-3-yl]methyl dihydrogen phosphate'
5 water water
#
_entity_poly.entity_id   1
_entity_poly.type   'polypeptide(L)'
_entity_poly.pdbx_seq_one_letter_code
;HHHHHHSSGVDLGTENLYFQSMAVKYIPEPFRIKMVEPIKMLTREERIEKIKEANYNLFNLKGADVYIDLLTDSGTNAMS
HDQWSGVMRGDEAYAGASSYFRLVDAGKDIFNYGFIQPVHQGRAAEKVLFPTFLSPGKFAISNMFFDTTRAHVILAGARP
IDCVIEEAKDPSHRCKFKGNMDVEKMEKIILEKGPENIGLIVMTITNNSAGGQPVSMKNIRETSEICKKYGIPFNIDAAR
YAENAYFIKRDEEGYQNKSIKDIIRETFSYADMFTMSAKKDTIVNMGGLIGVKDPQSPLILKIKANCISYEGFFTYGGLG
GRDLEALAIGLYEGIDEDYLKYRNGQMEYLASRLDDAGIAYQAPIGGHGAFIDAKAMFPQIPYNEYPGQVLAIELYIEAG
IRTCDIGSYMLGNDPDTGKQLEADFEFTRLAIPRRVYTQSHFDVMADAIIEVSKRAHEIKRGYKIIWEPPILRHFQASLA
PIEE
;
_entity_poly.pdbx_strand_id   A,B
#
# COMPACT_ATOMS: atom_id res chain seq x y z
N ALA A 23 -7.74 -14.66 -18.43
CA ALA A 23 -6.81 -14.06 -17.47
C ALA A 23 -6.76 -14.86 -16.17
N VAL A 24 -6.02 -14.33 -15.19
CA VAL A 24 -5.91 -14.96 -13.88
C VAL A 24 -6.28 -13.94 -12.82
N LYS A 25 -6.70 -14.45 -11.67
CA LYS A 25 -7.03 -13.62 -10.53
C LYS A 25 -5.77 -13.26 -9.76
N TYR A 26 -5.72 -12.03 -9.28
CA TYR A 26 -4.66 -11.57 -8.41
C TYR A 26 -4.96 -12.03 -6.98
N ILE A 27 -3.90 -12.23 -6.19
CA ILE A 27 -4.06 -12.61 -4.79
C ILE A 27 -4.05 -11.34 -3.97
N PRO A 28 -5.12 -11.04 -3.23
CA PRO A 28 -5.18 -9.77 -2.51
C PRO A 28 -4.25 -9.80 -1.32
N GLU A 29 -3.72 -8.63 -0.98
CA GLU A 29 -2.67 -8.47 0.01
C GLU A 29 -3.14 -8.98 1.37
N PRO A 30 -2.41 -9.92 2.00
CA PRO A 30 -2.72 -10.27 3.39
C PRO A 30 -2.25 -9.20 4.36
N PHE A 31 -2.38 -7.94 3.96
CA PHE A 31 -2.08 -6.80 4.82
C PHE A 31 -2.90 -5.60 4.34
N ARG A 32 -2.86 -4.51 5.09
CA ARG A 32 -3.42 -3.25 4.63
C ARG A 32 -2.33 -2.19 4.67
N ILE A 33 -2.58 -1.09 3.95
CA ILE A 33 -1.58 -0.05 3.77
C ILE A 33 -1.60 0.88 4.97
N LYS A 34 -0.43 1.08 5.58
CA LYS A 34 -0.35 1.98 6.74
C LYS A 34 0.47 3.24 6.48
N MET A 35 1.45 3.24 5.56
CA MET A 35 2.10 4.49 5.17
C MET A 35 2.37 4.49 3.66
N VAL A 36 2.15 5.63 3.03
CA VAL A 36 2.34 5.75 1.59
C VAL A 36 3.43 6.77 1.28
N GLU A 37 4.05 6.60 0.12
CA GLU A 37 5.09 7.50 -0.35
C GLU A 37 4.57 8.16 -1.61
N PRO A 38 4.18 9.42 -1.57
CA PRO A 38 3.54 9.99 -2.75
C PRO A 38 4.54 10.15 -3.87
N ILE A 39 4.04 10.09 -5.09
CA ILE A 39 4.86 10.10 -6.29
C ILE A 39 4.32 11.20 -7.21
N LYS A 40 5.24 12.02 -7.74
CA LYS A 40 4.86 13.05 -8.69
C LYS A 40 4.63 12.45 -10.06
N MET A 41 3.49 12.79 -10.67
CA MET A 41 3.07 12.17 -11.92
C MET A 41 3.55 13.05 -13.09
N LEU A 42 4.22 12.44 -14.06
CA LEU A 42 4.78 13.16 -15.19
C LEU A 42 3.94 12.93 -16.44
N THR A 43 3.97 13.90 -17.35
CA THR A 43 3.46 13.61 -18.68
C THR A 43 4.53 12.89 -19.49
N ARG A 44 4.11 12.32 -20.62
CA ARG A 44 5.07 11.65 -21.48
C ARG A 44 6.09 12.63 -22.03
N GLU A 45 5.66 13.85 -22.32
CA GLU A 45 6.60 14.86 -22.80
C GLU A 45 7.62 15.22 -21.74
N GLU A 46 7.22 15.18 -20.47
CA GLU A 46 8.17 15.40 -19.38
C GLU A 46 9.13 14.23 -19.25
N ARG A 47 8.57 13.01 -19.26
CA ARG A 47 9.40 11.78 -19.18
C ARG A 47 10.39 11.75 -20.34
N ILE A 48 9.95 12.16 -21.54
CA ILE A 48 10.91 12.26 -22.63
C ILE A 48 12.08 13.16 -22.26
N GLU A 49 11.80 14.30 -21.62
CA GLU A 49 12.90 15.20 -21.26
C GLU A 49 13.79 14.56 -20.22
N LYS A 50 13.20 13.83 -19.26
CA LYS A 50 13.98 13.18 -18.22
C LYS A 50 15.01 12.22 -18.83
N ILE A 51 14.55 11.28 -19.67
CA ILE A 51 15.43 10.23 -20.17
C ILE A 51 16.45 10.82 -21.13
N LYS A 52 16.09 11.87 -21.85
CA LYS A 52 17.08 12.56 -22.68
C LYS A 52 18.14 13.24 -21.81
N GLU A 53 17.73 13.85 -20.68
CA GLU A 53 18.66 14.49 -19.76
C GLU A 53 19.54 13.48 -19.04
N ALA A 54 19.09 12.23 -18.93
CA ALA A 54 19.87 11.18 -18.31
C ALA A 54 20.79 10.49 -19.28
N ASN A 55 20.87 10.96 -20.54
CA ASN A 55 21.64 10.31 -21.61
C ASN A 55 21.16 8.89 -21.87
N TYR A 56 19.85 8.67 -21.75
CA TYR A 56 19.22 7.40 -22.08
C TYR A 56 19.81 6.26 -21.27
N ASN A 57 20.47 6.58 -20.16
CA ASN A 57 20.85 5.60 -19.16
C ASN A 57 19.85 5.71 -18.01
N LEU A 58 19.08 4.64 -17.81
CA LEU A 58 18.00 4.67 -16.80
C LEU A 58 18.56 4.87 -15.39
N PHE A 59 19.82 4.48 -15.15
CA PHE A 59 20.51 4.66 -13.86
C PHE A 59 20.81 6.11 -13.55
N ASN A 60 20.68 7.00 -14.52
CA ASN A 60 20.88 8.43 -14.33
C ASN A 60 19.56 9.14 -14.08
N LEU A 61 18.43 8.43 -14.13
CA LEU A 61 17.16 9.02 -13.71
C LEU A 61 17.13 9.22 -12.20
N LYS A 62 16.42 10.26 -11.78
CA LYS A 62 16.18 10.50 -10.37
C LYS A 62 14.95 9.71 -9.93
N GLY A 63 15.07 9.02 -8.79
CA GLY A 63 13.99 8.27 -8.20
C GLY A 63 12.70 9.07 -8.26
N ALA A 64 12.80 10.36 -7.95
CA ALA A 64 11.59 11.19 -7.93
C ALA A 64 10.89 11.20 -9.28
N ASP A 65 11.59 10.96 -10.37
CA ASP A 65 10.99 10.97 -11.70
C ASP A 65 10.52 9.61 -12.16
N VAL A 66 10.61 8.58 -11.32
CA VAL A 66 10.18 7.23 -11.66
C VAL A 66 8.87 6.94 -10.95
N TYR A 67 7.85 6.56 -11.71
CA TYR A 67 6.57 6.18 -11.12
C TYR A 67 6.62 4.79 -10.47
N ILE A 68 6.84 3.73 -11.24
CA ILE A 68 7.03 2.37 -10.72
C ILE A 68 8.49 1.97 -10.94
N ASP A 69 9.29 1.89 -9.86
CA ASP A 69 10.74 1.65 -9.94
C ASP A 69 11.08 0.16 -9.84
N LEU A 70 11.19 -0.52 -10.98
CA LEU A 70 11.44 -1.94 -11.00
C LEU A 70 12.92 -2.27 -11.20
N LEU A 71 13.79 -1.26 -11.05
CA LEU A 71 15.22 -1.41 -11.33
C LEU A 71 15.86 -2.51 -10.49
N THR A 72 15.39 -2.71 -9.27
CA THR A 72 15.84 -3.85 -8.48
C THR A 72 14.85 -4.15 -7.38
N ASP A 73 14.89 -5.39 -6.92
CA ASP A 73 14.17 -5.84 -5.73
C ASP A 73 15.09 -5.94 -4.51
N SER A 74 16.26 -5.31 -4.56
CA SER A 74 17.25 -5.44 -3.51
C SER A 74 17.13 -4.25 -2.55
N GLY A 75 16.57 -4.49 -1.38
CA GLY A 75 16.48 -3.49 -0.35
C GLY A 75 15.57 -2.32 -0.67
N THR A 76 14.59 -2.49 -1.53
CA THR A 76 13.65 -1.43 -1.83
C THR A 76 12.26 -1.78 -1.36
N ASN A 77 12.15 -2.80 -0.50
CA ASN A 77 10.88 -3.33 -0.05
C ASN A 77 10.23 -2.38 0.95
N ALA A 78 8.94 -2.62 1.19
CA ALA A 78 8.19 -1.95 2.25
C ALA A 78 8.10 -2.85 3.47
N MET A 79 8.61 -2.38 4.62
CA MET A 79 8.53 -3.15 5.86
C MET A 79 7.15 -2.99 6.49
N SER A 80 6.97 -3.65 7.63
CA SER A 80 5.73 -3.62 8.39
C SER A 80 5.84 -2.60 9.51
N HIS A 81 4.70 -2.31 10.15
CA HIS A 81 4.75 -1.42 11.30
C HIS A 81 5.33 -2.16 12.51
N ASP A 82 5.34 -3.49 12.48
CA ASP A 82 6.16 -4.25 13.42
C ASP A 82 7.65 -3.94 13.24
N GLN A 83 8.15 -3.96 12.01
CA GLN A 83 9.57 -3.72 11.81
C GLN A 83 9.93 -2.29 12.21
N TRP A 84 9.16 -1.30 11.73
CA TRP A 84 9.40 0.07 12.15
C TRP A 84 9.32 0.21 13.67
N SER A 85 8.42 -0.55 14.30
CA SER A 85 8.38 -0.52 15.75
C SER A 85 9.74 -0.84 16.33
N GLY A 86 10.37 -1.92 15.81
CA GLY A 86 11.68 -2.31 16.28
C GLY A 86 12.76 -1.35 15.88
N VAL A 87 12.54 -0.60 14.79
CA VAL A 87 13.51 0.41 14.38
C VAL A 87 13.71 1.42 15.51
N MET A 88 12.61 1.93 16.09
CA MET A 88 12.69 2.85 17.24
C MET A 88 13.30 2.21 18.50
N ARG A 89 13.22 0.89 18.65
CA ARG A 89 13.75 0.27 19.84
C ARG A 89 15.22 -0.13 19.65
N GLY A 90 15.76 0.07 18.46
CA GLY A 90 17.07 -0.40 18.07
C GLY A 90 18.15 -0.03 19.07
N ASP A 91 18.98 -1.01 19.45
CA ASP A 91 20.08 -0.80 20.38
C ASP A 91 21.34 -0.51 19.59
N GLU A 92 21.94 0.65 19.80
CA GLU A 92 23.12 1.05 19.03
C GLU A 92 24.43 0.72 19.74
N ALA A 93 24.39 -0.07 20.80
CA ALA A 93 25.61 -0.45 21.49
C ALA A 93 26.61 -1.04 20.49
N TYR A 94 27.83 -0.56 20.56
CA TYR A 94 28.95 -1.20 19.89
C TYR A 94 28.97 -2.68 20.25
N ALA A 95 29.59 -3.03 21.39
CA ALA A 95 29.65 -4.42 21.82
C ALA A 95 28.37 -4.81 22.54
N GLY A 96 27.72 -5.86 22.05
CA GLY A 96 26.70 -6.57 22.82
C GLY A 96 25.29 -6.03 22.76
N ALA A 97 24.90 -5.32 21.70
CA ALA A 97 23.57 -4.71 21.66
C ALA A 97 22.49 -5.77 21.81
N SER A 98 21.43 -5.44 22.55
CA SER A 98 20.29 -6.36 22.65
C SER A 98 19.73 -6.66 21.28
N SER A 99 19.78 -5.67 20.40
CA SER A 99 19.29 -5.79 19.05
C SER A 99 20.01 -6.88 18.25
N TYR A 100 21.15 -7.36 18.75
CA TYR A 100 21.90 -8.36 18.00
C TYR A 100 21.40 -9.78 18.33
N PHE A 101 21.01 -10.01 19.58
CA PHE A 101 20.63 -11.37 20.01
C PHE A 101 19.26 -11.74 19.48
N ARG A 102 18.34 -10.79 19.47
CA ARG A 102 17.06 -11.05 18.84
C ARG A 102 17.25 -11.47 17.39
N LEU A 103 18.28 -10.95 16.72
CA LEU A 103 18.58 -11.35 15.35
C LEU A 103 19.13 -12.77 15.28
N VAL A 104 20.16 -13.09 16.09
CA VAL A 104 20.76 -14.42 15.99
C VAL A 104 19.77 -15.48 16.46
N ASP A 105 18.86 -15.11 17.38
CA ASP A 105 17.87 -16.05 17.89
C ASP A 105 16.87 -16.44 16.80
N ALA A 106 16.39 -15.46 16.03
CA ALA A 106 15.65 -15.78 14.81
C ALA A 106 16.50 -16.65 13.90
N GLY A 107 17.67 -16.13 13.48
CA GLY A 107 18.57 -16.87 12.60
C GLY A 107 18.74 -18.33 12.97
N LYS A 108 18.93 -18.61 14.26
CA LYS A 108 19.10 -20.00 14.64
C LYS A 108 17.79 -20.75 14.62
N ASP A 109 16.67 -20.08 14.89
CA ASP A 109 15.37 -20.74 14.75
C ASP A 109 15.05 -21.14 13.31
N ILE A 110 14.77 -20.16 12.45
CA ILE A 110 14.40 -20.39 11.06
C ILE A 110 15.24 -21.47 10.37
N PHE A 111 16.57 -21.35 10.45
CA PHE A 111 17.44 -22.27 9.74
C PHE A 111 17.91 -23.44 10.59
N ASN A 112 17.85 -23.32 11.92
CA ASN A 112 18.35 -24.31 12.85
C ASN A 112 19.87 -24.43 12.83
N TYR A 113 20.56 -23.52 12.14
CA TYR A 113 22.01 -23.52 12.16
C TYR A 113 22.52 -23.20 13.55
N GLY A 114 23.76 -23.62 13.81
CA GLY A 114 24.37 -23.36 15.10
C GLY A 114 24.85 -21.94 15.28
N PHE A 115 25.30 -21.29 14.19
CA PHE A 115 25.95 -19.99 14.26
C PHE A 115 25.39 -19.05 13.21
N ILE A 116 25.13 -17.81 13.62
CA ILE A 116 24.64 -16.76 12.73
C ILE A 116 25.48 -15.51 12.98
N GLN A 117 25.79 -14.79 11.91
CA GLN A 117 26.67 -13.62 11.94
C GLN A 117 26.11 -12.48 11.09
N PRO A 118 25.63 -11.36 11.71
CA PRO A 118 25.19 -10.21 10.92
C PRO A 118 26.31 -9.55 10.10
N VAL A 119 25.96 -9.08 8.90
CA VAL A 119 26.93 -8.39 8.03
C VAL A 119 26.14 -7.29 7.32
N HIS A 120 26.79 -6.25 6.80
CA HIS A 120 26.05 -5.10 6.23
C HIS A 120 25.44 -5.38 4.85
N GLN A 121 26.14 -6.04 3.94
CA GLN A 121 25.55 -6.21 2.59
C GLN A 121 25.68 -7.68 2.16
N GLY A 122 24.86 -8.14 1.20
CA GLY A 122 25.06 -9.52 0.74
C GLY A 122 26.48 -9.77 0.24
N ARG A 123 27.05 -8.81 -0.47
CA ARG A 123 28.42 -8.97 -0.94
C ARG A 123 29.40 -9.06 0.20
N ALA A 124 29.11 -8.42 1.33
CA ALA A 124 30.02 -8.47 2.46
C ALA A 124 29.99 -9.82 3.17
N ALA A 125 28.90 -10.57 3.05
CA ALA A 125 28.86 -11.90 3.63
C ALA A 125 29.88 -12.79 2.96
N GLU A 126 30.00 -12.67 1.64
CA GLU A 126 30.93 -13.53 0.92
C GLU A 126 32.37 -13.15 1.26
N LYS A 127 32.69 -11.86 1.18
CA LYS A 127 34.03 -11.40 1.53
C LYS A 127 34.44 -11.94 2.90
N VAL A 128 33.50 -12.02 3.84
CA VAL A 128 33.82 -12.48 5.18
C VAL A 128 34.07 -13.98 5.18
N LEU A 129 33.18 -14.76 4.56
CA LEU A 129 33.26 -16.25 4.65
C LEU A 129 34.12 -16.89 3.55
N PHE A 130 33.69 -16.81 2.29
CA PHE A 130 34.37 -17.50 1.17
C PHE A 130 35.88 -17.62 1.38
N PRO A 131 36.71 -16.54 1.44
CA PRO A 131 38.16 -16.68 1.56
C PRO A 131 38.69 -17.79 2.49
N THR A 132 38.15 -17.92 3.71
CA THR A 132 38.65 -18.92 4.68
C THR A 132 38.79 -20.30 4.01
N PHE A 133 37.81 -20.67 3.18
CA PHE A 133 37.85 -22.01 2.54
C PHE A 133 38.41 -21.89 1.11
N LEU A 134 38.24 -20.74 0.46
CA LEU A 134 38.68 -20.60 -0.95
C LEU A 134 40.09 -20.03 -1.01
N SER A 135 41.11 -20.89 -0.88
CA SER A 135 42.51 -20.43 -1.02
C SER A 135 42.74 -20.01 -2.47
N PRO A 136 43.32 -18.81 -2.73
CA PRO A 136 43.61 -18.35 -4.08
C PRO A 136 44.22 -19.43 -4.99
N GLY A 137 43.52 -19.76 -6.08
CA GLY A 137 44.00 -20.83 -6.98
C GLY A 137 42.97 -21.95 -7.05
N LYS A 138 42.15 -22.09 -6.01
CA LYS A 138 41.10 -23.14 -5.99
C LYS A 138 39.87 -22.58 -6.70
N PHE A 139 39.12 -23.43 -7.41
CA PHE A 139 37.97 -23.00 -8.18
C PHE A 139 36.70 -23.60 -7.58
N ALA A 140 35.61 -22.86 -7.71
CA ALA A 140 34.32 -23.30 -7.21
C ALA A 140 33.31 -23.27 -8.33
N ILE A 141 32.38 -24.22 -8.28
CA ILE A 141 31.30 -24.37 -9.26
C ILE A 141 29.99 -23.86 -8.65
N SER A 142 29.17 -23.18 -9.46
CA SER A 142 27.84 -22.74 -9.03
C SER A 142 26.82 -23.15 -10.09
N ASN A 143 25.55 -22.81 -9.82
CA ASN A 143 24.45 -23.11 -10.72
C ASN A 143 24.05 -21.89 -11.56
N MET A 144 24.98 -20.99 -11.82
CA MET A 144 24.66 -19.70 -12.44
C MET A 144 24.97 -19.71 -13.93
N PHE A 145 24.52 -18.64 -14.61
CA PHE A 145 24.75 -18.41 -16.03
C PHE A 145 25.71 -17.26 -16.29
N PHE A 146 25.43 -16.08 -15.73
CA PHE A 146 26.36 -14.97 -15.77
C PHE A 146 27.19 -14.94 -14.49
N ASP A 147 28.20 -14.07 -14.46
CA ASP A 147 28.93 -13.82 -13.22
C ASP A 147 30.02 -12.77 -13.36
N THR A 148 30.20 -12.01 -12.28
CA THR A 148 31.27 -11.02 -12.13
C THR A 148 32.56 -11.60 -11.58
N THR A 149 32.53 -12.77 -10.93
CA THR A 149 33.70 -13.41 -10.34
C THR A 149 34.44 -12.46 -9.40
N HIS A 152 37.20 -16.77 -10.73
CA HIS A 152 37.71 -18.11 -11.05
C HIS A 152 36.65 -19.17 -10.75
N VAL A 153 35.44 -18.93 -11.22
CA VAL A 153 34.28 -19.76 -10.91
C VAL A 153 33.91 -20.60 -12.13
N ILE A 154 33.45 -21.83 -11.89
CA ILE A 154 33.02 -22.77 -12.93
C ILE A 154 31.51 -22.91 -12.89
N LEU A 155 30.84 -22.63 -14.02
CA LEU A 155 29.38 -22.48 -14.10
C LEU A 155 28.72 -23.71 -14.73
N ALA A 156 27.99 -24.49 -13.92
CA ALA A 156 27.33 -25.68 -14.45
C ALA A 156 25.83 -25.58 -14.25
N GLY A 157 25.19 -24.58 -14.87
CA GLY A 157 23.74 -24.42 -14.76
C GLY A 157 23.02 -25.38 -15.70
N ALA A 158 22.06 -26.12 -15.16
CA ALA A 158 21.37 -27.13 -15.94
C ALA A 158 20.73 -26.51 -17.19
N ARG A 159 21.06 -27.05 -18.36
CA ARG A 159 20.56 -26.49 -19.60
C ARG A 159 19.04 -26.47 -19.57
N PRO A 160 18.39 -25.33 -19.89
CA PRO A 160 16.92 -25.32 -19.95
C PRO A 160 16.39 -26.42 -20.86
N ILE A 161 17.25 -26.92 -21.74
CA ILE A 161 17.02 -28.14 -22.52
C ILE A 161 15.56 -28.33 -22.93
N CYS A 175 8.24 -26.34 -19.19
CA CYS A 175 9.38 -26.01 -18.34
C CYS A 175 8.99 -26.01 -16.85
N LYS A 176 9.91 -26.48 -15.99
CA LYS A 176 9.68 -26.50 -14.55
C LYS A 176 11.02 -26.64 -13.83
N PHE A 177 11.07 -26.07 -12.62
CA PHE A 177 12.25 -26.05 -11.75
C PHE A 177 13.55 -25.74 -12.47
N LYS A 178 13.46 -24.93 -13.54
CA LYS A 178 14.67 -24.52 -14.28
C LYS A 178 15.61 -23.81 -13.30
N GLY A 179 16.89 -23.71 -13.64
CA GLY A 179 17.81 -23.09 -12.71
C GLY A 179 18.34 -24.03 -11.66
N ASN A 180 18.24 -25.33 -11.89
CA ASN A 180 18.95 -26.34 -11.12
C ASN A 180 20.41 -26.39 -11.55
N MET A 181 21.21 -27.04 -10.73
CA MET A 181 22.58 -27.33 -11.09
C MET A 181 22.59 -28.55 -11.99
N ASP A 182 23.33 -28.49 -13.10
CA ASP A 182 23.51 -29.72 -13.92
C ASP A 182 24.37 -30.63 -13.07
N VAL A 183 23.75 -31.49 -12.26
CA VAL A 183 24.54 -32.28 -11.31
C VAL A 183 25.54 -33.14 -12.08
N GLU A 184 25.13 -33.65 -13.24
CA GLU A 184 26.07 -34.36 -14.11
C GLU A 184 27.31 -33.52 -14.40
N LYS A 185 27.10 -32.32 -14.97
CA LYS A 185 28.22 -31.48 -15.38
C LYS A 185 29.16 -31.19 -14.21
N MET A 186 28.60 -30.69 -13.11
CA MET A 186 29.35 -30.51 -11.87
C MET A 186 30.19 -31.74 -11.50
N GLU A 187 29.53 -32.90 -11.36
CA GLU A 187 30.22 -34.12 -10.95
C GLU A 187 31.44 -34.40 -11.81
N LYS A 188 31.34 -34.19 -13.13
CA LYS A 188 32.49 -34.38 -13.99
C LYS A 188 33.50 -33.25 -13.84
N ILE A 189 33.03 -32.04 -13.52
CA ILE A 189 33.95 -30.93 -13.30
C ILE A 189 34.80 -31.18 -12.06
N ILE A 190 34.29 -31.94 -11.09
CA ILE A 190 35.08 -32.21 -9.89
C ILE A 190 36.14 -33.25 -10.14
N LEU A 191 36.27 -33.74 -11.38
CA LEU A 191 37.26 -34.71 -11.80
C LEU A 191 38.22 -34.15 -12.84
N GLU A 192 37.70 -33.45 -13.85
CA GLU A 192 38.57 -32.72 -14.76
C GLU A 192 39.41 -31.69 -14.01
N LYS A 193 38.82 -31.16 -12.94
CA LYS A 193 39.60 -30.28 -12.03
C LYS A 193 39.69 -31.14 -10.77
N GLY A 194 40.85 -31.28 -10.15
CA GLY A 194 41.00 -32.19 -9.01
C GLY A 194 39.95 -32.05 -7.92
N PRO A 195 39.56 -33.14 -7.26
CA PRO A 195 38.60 -33.08 -6.15
C PRO A 195 39.10 -32.28 -4.94
N GLU A 196 40.35 -32.52 -4.52
CA GLU A 196 40.93 -31.78 -3.37
C GLU A 196 41.26 -30.36 -3.82
N ASN A 197 40.98 -30.02 -5.08
CA ASN A 197 41.20 -28.66 -5.56
C ASN A 197 39.95 -27.80 -5.52
N ILE A 198 38.78 -28.35 -5.87
CA ILE A 198 37.59 -27.52 -5.88
C ILE A 198 37.39 -26.96 -4.48
N GLY A 199 37.46 -25.63 -4.37
CA GLY A 199 37.35 -24.99 -3.06
C GLY A 199 35.97 -25.17 -2.45
N LEU A 200 34.92 -24.93 -3.23
CA LEU A 200 33.55 -25.18 -2.77
C LEU A 200 32.58 -25.18 -3.94
N ILE A 201 31.36 -25.60 -3.65
CA ILE A 201 30.19 -25.50 -4.51
C ILE A 201 29.19 -24.55 -3.87
N VAL A 202 28.63 -23.66 -4.67
CA VAL A 202 27.63 -22.70 -4.22
C VAL A 202 26.38 -22.92 -5.07
N MET A 203 25.27 -23.24 -4.40
CA MET A 203 23.96 -23.28 -5.05
C MET A 203 23.21 -22.03 -4.60
N THR A 204 23.05 -21.07 -5.51
CA THR A 204 22.25 -19.88 -5.19
C THR A 204 20.78 -20.20 -5.52
N ILE A 205 19.88 -19.86 -4.59
CA ILE A 205 18.46 -20.14 -4.69
C ILE A 205 17.69 -18.89 -4.32
N THR A 206 16.68 -18.53 -5.10
CA THR A 206 16.44 -19.07 -6.44
C THR A 206 17.64 -18.70 -7.31
N ASN A 207 17.70 -19.18 -8.57
CA ASN A 207 18.83 -18.82 -9.43
C ASN A 207 18.53 -17.49 -10.12
N ASN A 208 19.25 -16.44 -9.71
CA ASN A 208 19.02 -15.11 -10.30
C ASN A 208 19.26 -15.14 -11.80
N SER A 209 20.44 -15.62 -12.20
CA SER A 209 20.91 -15.51 -13.58
C SER A 209 20.00 -16.19 -14.59
N ALA A 210 19.03 -16.99 -14.15
CA ALA A 210 18.01 -17.54 -15.06
C ALA A 210 16.73 -16.72 -15.06
N GLY A 211 16.47 -15.95 -14.02
CA GLY A 211 15.28 -15.13 -13.95
C GLY A 211 14.51 -15.34 -12.67
N GLY A 212 15.19 -15.86 -11.64
CA GLY A 212 14.55 -16.21 -10.40
C GLY A 212 13.91 -17.59 -10.38
N GLN A 213 14.29 -18.48 -11.30
CA GLN A 213 13.76 -19.83 -11.28
C GLN A 213 14.34 -20.60 -10.10
N PRO A 214 13.59 -21.54 -9.45
CA PRO A 214 14.06 -22.15 -8.21
C PRO A 214 14.94 -23.41 -8.28
N VAL A 215 15.06 -24.08 -7.14
CA VAL A 215 15.94 -25.27 -7.05
C VAL A 215 15.15 -26.37 -6.36
N SER A 216 15.07 -27.57 -6.96
CA SER A 216 14.21 -28.62 -6.38
C SER A 216 14.84 -29.18 -5.12
N MET A 217 14.04 -29.44 -4.09
CA MET A 217 14.64 -30.16 -2.99
C MET A 217 15.52 -31.28 -3.51
N LYS A 218 15.18 -31.86 -4.66
CA LYS A 218 15.97 -32.96 -5.21
C LYS A 218 17.30 -32.47 -5.76
N ASN A 219 17.29 -31.39 -6.54
CA ASN A 219 18.56 -30.87 -7.03
C ASN A 219 19.46 -30.47 -5.89
N ILE A 220 18.91 -30.29 -4.68
CA ILE A 220 19.72 -29.91 -3.53
C ILE A 220 20.34 -31.13 -2.85
N ARG A 221 19.55 -32.19 -2.64
CA ARG A 221 20.13 -33.43 -2.15
C ARG A 221 21.23 -33.92 -3.08
N GLU A 222 20.97 -33.90 -4.39
CA GLU A 222 21.93 -34.41 -5.36
C GLU A 222 23.19 -33.57 -5.41
N THR A 223 23.06 -32.24 -5.33
CA THR A 223 24.28 -31.42 -5.29
C THR A 223 25.00 -31.64 -3.97
N SER A 224 24.23 -31.81 -2.89
CA SER A 224 24.80 -32.16 -1.61
C SER A 224 25.62 -33.45 -1.69
N GLU A 225 25.04 -34.49 -2.30
CA GLU A 225 25.68 -35.80 -2.32
C GLU A 225 27.11 -35.72 -2.85
N ILE A 226 27.27 -35.24 -4.09
CA ILE A 226 28.62 -35.13 -4.65
C ILE A 226 29.54 -34.31 -3.75
N CYS A 227 28.97 -33.42 -2.94
CA CYS A 227 29.81 -32.58 -2.07
C CYS A 227 30.40 -33.36 -0.91
N LYS A 228 29.66 -34.34 -0.36
CA LYS A 228 30.19 -35.13 0.74
C LYS A 228 31.17 -36.20 0.26
N LYS A 229 30.95 -36.78 -0.92
CA LYS A 229 31.88 -37.78 -1.45
C LYS A 229 33.24 -37.15 -1.70
N TYR A 230 33.33 -36.26 -2.68
CA TYR A 230 34.60 -35.64 -3.03
C TYR A 230 35.03 -34.57 -2.03
N GLY A 231 34.38 -34.50 -0.87
CA GLY A 231 34.84 -33.67 0.25
C GLY A 231 34.87 -32.17 0.02
N ILE A 232 33.90 -31.64 -0.71
CA ILE A 232 33.89 -30.21 -1.03
C ILE A 232 32.85 -29.50 -0.16
N PRO A 233 33.15 -28.31 0.35
CA PRO A 233 32.16 -27.60 1.17
C PRO A 233 31.05 -27.02 0.31
N PHE A 234 29.84 -27.03 0.85
CA PHE A 234 28.63 -26.63 0.14
C PHE A 234 28.05 -25.39 0.79
N ASN A 235 28.00 -24.29 0.05
CA ASN A 235 27.38 -23.06 0.51
C ASN A 235 26.16 -22.76 -0.33
N ILE A 236 25.11 -22.30 0.34
CA ILE A 236 23.89 -21.78 -0.28
C ILE A 236 23.96 -20.27 -0.23
N ASP A 237 23.94 -19.61 -1.40
CA ASP A 237 23.68 -18.18 -1.48
C ASP A 237 22.16 -17.98 -1.41
N ALA A 238 21.68 -17.36 -0.34
CA ALA A 238 20.28 -17.50 0.02
C ALA A 238 19.46 -16.22 -0.12
N ALA A 239 19.80 -15.36 -1.10
CA ALA A 239 19.15 -14.04 -1.14
C ALA A 239 17.64 -14.18 -1.29
N ARG A 240 17.18 -15.13 -2.08
CA ARG A 240 15.75 -15.31 -2.26
C ARG A 240 15.35 -16.71 -1.84
N TYR A 241 15.81 -17.12 -0.65
CA TYR A 241 15.53 -18.45 -0.15
C TYR A 241 14.02 -18.66 0.03
N ALA A 242 13.32 -17.62 0.48
CA ALA A 242 11.90 -17.75 0.82
C ALA A 242 11.03 -17.96 -0.42
N GLU A 243 11.21 -17.11 -1.44
CA GLU A 243 10.56 -17.38 -2.72
C GLU A 243 10.88 -18.81 -3.22
N ASN A 244 12.12 -19.28 -2.97
CA ASN A 244 12.47 -20.64 -3.38
C ASN A 244 11.66 -21.68 -2.63
N ALA A 245 11.50 -21.53 -1.32
CA ALA A 245 10.77 -22.54 -0.57
C ALA A 245 9.34 -22.67 -1.10
N TYR A 246 8.68 -21.53 -1.36
CA TYR A 246 7.35 -21.58 -1.96
C TYR A 246 7.35 -22.36 -3.25
N PHE A 247 8.28 -22.04 -4.15
CA PHE A 247 8.35 -22.76 -5.41
C PHE A 247 8.48 -24.26 -5.18
N ILE A 248 9.15 -24.67 -4.09
CA ILE A 248 9.18 -26.09 -3.77
C ILE A 248 7.82 -26.57 -3.27
N LYS A 249 7.29 -25.93 -2.23
CA LYS A 249 5.97 -26.34 -1.74
C LYS A 249 4.98 -26.44 -2.88
N ARG A 250 5.05 -25.53 -3.85
CA ARG A 250 4.03 -25.46 -4.88
C ARG A 250 4.22 -26.49 -6.00
N ASP A 251 5.46 -26.94 -6.24
CA ASP A 251 5.81 -27.61 -7.49
C ASP A 251 6.52 -28.93 -7.30
N GLU A 252 7.40 -29.05 -6.30
CA GLU A 252 8.17 -30.27 -6.12
C GLU A 252 7.29 -31.35 -5.47
N GLU A 253 7.24 -32.52 -6.12
CA GLU A 253 6.25 -33.53 -5.78
C GLU A 253 6.43 -34.05 -4.35
N GLY A 254 5.40 -33.89 -3.52
CA GLY A 254 5.46 -34.40 -2.14
C GLY A 254 5.69 -33.31 -1.12
N TYR A 255 5.64 -32.05 -1.54
CA TYR A 255 5.80 -30.92 -0.58
C TYR A 255 4.51 -30.11 -0.55
N GLN A 256 3.45 -30.65 -1.17
CA GLN A 256 2.15 -29.99 -1.20
C GLN A 256 1.67 -29.60 0.19
N ASN A 257 1.49 -30.59 1.08
CA ASN A 257 0.96 -30.34 2.40
C ASN A 257 2.05 -30.09 3.44
N LYS A 258 3.28 -29.82 3.01
CA LYS A 258 4.41 -29.65 3.91
C LYS A 258 4.59 -28.18 4.32
N SER A 259 5.00 -27.97 5.57
CA SER A 259 5.13 -26.61 6.13
C SER A 259 6.27 -25.82 5.49
N ILE A 260 6.00 -24.56 5.10
CA ILE A 260 7.06 -23.66 4.62
C ILE A 260 8.22 -23.60 5.61
N LYS A 261 7.92 -23.40 6.90
CA LYS A 261 8.99 -23.33 7.90
C LYS A 261 9.94 -24.52 7.77
N ASP A 262 9.37 -25.70 7.53
CA ASP A 262 10.19 -26.89 7.41
C ASP A 262 10.89 -26.96 6.05
N ILE A 263 10.20 -26.58 4.97
CA ILE A 263 10.82 -26.72 3.65
C ILE A 263 12.08 -25.88 3.60
N ILE A 264 12.11 -24.77 4.34
CA ILE A 264 13.34 -24.03 4.56
C ILE A 264 14.33 -24.87 5.37
N ARG A 265 13.92 -25.26 6.58
CA ARG A 265 14.87 -25.89 7.50
C ARG A 265 15.46 -27.16 6.87
N GLU A 266 14.76 -27.77 5.90
CA GLU A 266 15.32 -28.92 5.18
C GLU A 266 16.42 -28.47 4.22
N THR A 267 16.14 -27.48 3.37
CA THR A 267 17.15 -27.02 2.42
C THR A 267 18.46 -26.72 3.12
N PHE A 268 18.41 -26.15 4.32
CA PHE A 268 19.62 -25.87 5.09
C PHE A 268 20.03 -27.03 5.98
N SER A 269 19.67 -28.26 5.59
CA SER A 269 20.35 -29.43 6.10
C SER A 269 21.33 -30.01 5.10
N TYR A 270 21.12 -29.74 3.82
CA TYR A 270 21.98 -30.32 2.80
C TYR A 270 23.19 -29.44 2.54
N ALA A 271 23.40 -28.42 3.36
CA ALA A 271 24.45 -27.45 3.16
C ALA A 271 25.29 -27.30 4.42
N ASP A 272 26.57 -27.05 4.22
CA ASP A 272 27.47 -26.77 5.33
C ASP A 272 27.33 -25.34 5.86
N MET A 273 26.80 -24.43 5.05
CA MET A 273 26.81 -23.00 5.36
C MET A 273 25.92 -22.28 4.36
N PHE A 274 25.60 -21.02 4.70
CA PHE A 274 24.89 -20.13 3.79
C PHE A 274 25.41 -18.71 3.94
N THR A 275 25.42 -17.98 2.82
CA THR A 275 25.60 -16.52 2.80
C THR A 275 24.37 -15.88 2.18
N MET A 276 24.02 -14.68 2.65
CA MET A 276 22.76 -14.09 2.26
C MET A 276 22.83 -12.56 2.17
N SER A 277 22.23 -12.02 1.10
CA SER A 277 21.84 -10.62 1.07
C SER A 277 20.44 -10.55 1.64
N ALA A 278 20.29 -9.91 2.81
CA ALA A 278 18.98 -9.86 3.46
C ALA A 278 18.04 -8.90 2.77
N LYS A 279 18.56 -8.07 1.88
CA LYS A 279 17.80 -7.00 1.25
C LYS A 279 16.73 -7.58 0.35
N LYS A 280 16.61 -8.91 0.31
CA LYS A 280 15.74 -9.56 -0.65
C LYS A 280 14.56 -10.16 0.06
N ASP A 281 14.64 -11.40 0.55
CA ASP A 281 13.46 -12.10 1.04
C ASP A 281 13.25 -11.96 2.55
N THR A 282 13.93 -11.04 3.21
CA THR A 282 13.65 -10.68 4.59
C THR A 282 12.93 -9.36 4.64
N ILE A 283 12.42 -8.93 3.49
CA ILE A 283 11.66 -7.72 3.30
C ILE A 283 12.27 -6.64 4.18
N VAL A 284 13.53 -6.28 3.92
CA VAL A 284 14.24 -5.30 4.72
C VAL A 284 14.89 -4.30 3.75
N ASN A 285 15.53 -3.26 4.29
CA ASN A 285 16.19 -2.27 3.44
C ASN A 285 17.71 -2.36 3.43
N MET A 286 18.32 -3.15 4.30
CA MET A 286 19.77 -3.25 4.44
C MET A 286 20.11 -4.48 5.28
N GLY A 287 21.27 -5.07 5.03
CA GLY A 287 21.71 -6.19 5.83
C GLY A 287 22.09 -7.43 5.05
N GLY A 288 22.97 -8.23 5.66
CA GLY A 288 23.39 -9.51 5.07
C GLY A 288 23.64 -10.50 6.17
N LEU A 289 23.64 -11.80 5.85
CA LEU A 289 23.77 -12.80 6.95
C LEU A 289 24.63 -13.98 6.53
N ILE A 290 25.56 -14.39 7.39
CA ILE A 290 26.39 -15.61 7.15
C ILE A 290 25.95 -16.62 8.20
N GLY A 291 25.71 -17.87 7.81
CA GLY A 291 25.40 -18.88 8.83
C GLY A 291 26.16 -20.16 8.58
N VAL A 292 26.64 -20.80 9.65
CA VAL A 292 27.31 -22.12 9.49
C VAL A 292 26.56 -23.12 10.37
N LYS A 293 26.14 -24.25 9.79
CA LYS A 293 25.28 -25.22 10.52
C LYS A 293 26.02 -25.78 11.72
N ASP A 294 27.26 -26.16 11.51
CA ASP A 294 28.01 -26.85 12.60
C ASP A 294 28.27 -25.84 13.74
N PRO A 295 27.76 -26.02 15.00
CA PRO A 295 28.09 -25.06 16.06
C PRO A 295 29.57 -25.02 16.38
N GLN A 296 30.28 -26.12 16.22
CA GLN A 296 31.69 -26.23 16.56
C GLN A 296 32.59 -26.05 15.35
N SER A 297 32.07 -25.54 14.26
CA SER A 297 32.82 -25.55 13.01
C SER A 297 33.93 -24.52 13.09
N PRO A 298 35.18 -24.90 12.82
CA PRO A 298 36.31 -23.99 13.03
C PRO A 298 36.10 -22.65 12.34
N LEU A 299 35.31 -22.67 11.26
CA LEU A 299 35.02 -21.44 10.55
C LEU A 299 34.55 -20.33 11.46
N ILE A 300 33.93 -20.69 12.60
CA ILE A 300 33.28 -19.69 13.44
C ILE A 300 34.30 -18.71 14.00
N LEU A 301 35.36 -19.22 14.63
CA LEU A 301 36.38 -18.32 15.15
C LEU A 301 37.04 -17.51 14.03
N LYS A 302 37.13 -18.10 12.82
CA LYS A 302 37.63 -17.35 11.67
C LYS A 302 36.67 -16.24 11.28
N ILE A 303 35.38 -16.57 11.15
CA ILE A 303 34.38 -15.58 10.73
C ILE A 303 34.38 -14.39 11.69
N LYS A 304 34.51 -14.65 12.99
CA LYS A 304 34.49 -13.54 13.95
C LYS A 304 35.69 -12.65 13.73
N ALA A 305 36.88 -13.24 13.62
CA ALA A 305 38.07 -12.45 13.34
C ALA A 305 37.95 -11.71 12.02
N ASN A 306 37.45 -12.40 10.98
CA ASN A 306 37.29 -11.76 9.68
C ASN A 306 36.34 -10.59 9.78
N CYS A 307 35.18 -10.81 10.41
CA CYS A 307 34.18 -9.76 10.53
C CYS A 307 34.75 -8.54 11.24
N ILE A 308 35.48 -8.76 12.34
CA ILE A 308 36.09 -7.66 13.09
C ILE A 308 36.97 -6.80 12.19
N SER A 309 37.59 -7.40 11.16
CA SER A 309 38.55 -6.68 10.32
C SER A 309 37.87 -5.90 9.20
N TYR A 310 36.81 -6.43 8.60
CA TYR A 310 36.16 -5.82 7.45
C TYR A 310 34.96 -4.97 7.83
N GLU A 311 34.15 -5.44 8.77
CA GLU A 311 32.87 -4.81 9.11
C GLU A 311 32.90 -4.06 10.43
N GLY A 312 33.56 -4.60 11.46
CA GLY A 312 33.55 -4.09 12.82
C GLY A 312 33.32 -5.22 13.81
N PHE A 313 33.08 -4.86 15.07
CA PHE A 313 32.89 -5.89 16.10
C PHE A 313 31.67 -6.73 15.78
N PHE A 314 31.83 -8.04 15.90
CA PHE A 314 30.92 -9.04 15.33
C PHE A 314 29.55 -9.03 15.95
N THR A 315 29.16 -8.15 16.88
CA THR A 315 27.80 -8.14 17.40
C THR A 315 26.97 -7.03 16.80
N TYR A 316 27.50 -6.31 15.81
CA TYR A 316 26.68 -5.52 14.90
C TYR A 316 27.09 -5.69 13.44
N GLY A 317 28.31 -6.13 13.17
CA GLY A 317 28.83 -6.44 11.83
C GLY A 317 28.61 -5.41 10.74
N GLY A 318 28.87 -4.14 11.01
CA GLY A 318 28.61 -3.08 10.05
C GLY A 318 27.15 -2.67 9.98
N LEU A 319 26.31 -3.28 10.79
CA LEU A 319 24.88 -3.04 10.74
C LEU A 319 24.45 -2.20 11.94
N GLY A 320 23.44 -1.35 11.74
CA GLY A 320 22.96 -0.53 12.82
C GLY A 320 21.94 -1.24 13.67
N GLY A 321 21.77 -0.74 14.89
CA GLY A 321 20.75 -1.30 15.76
C GLY A 321 19.39 -1.26 15.10
N ARG A 322 19.08 -0.13 14.44
CA ARG A 322 17.82 -0.03 13.72
C ARG A 322 17.67 -1.17 12.73
N ASP A 323 18.73 -1.43 11.95
CA ASP A 323 18.65 -2.41 10.88
C ASP A 323 18.64 -3.83 11.40
N LEU A 324 19.31 -4.10 12.53
CA LEU A 324 19.27 -5.42 13.15
C LEU A 324 17.86 -5.79 13.60
N GLU A 325 17.11 -4.80 14.11
CA GLU A 325 15.74 -5.03 14.54
C GLU A 325 14.83 -5.32 13.35
N ALA A 326 14.85 -4.45 12.34
CA ALA A 326 14.04 -4.67 11.14
C ALA A 326 14.37 -6.02 10.50
N LEU A 327 15.58 -6.52 10.69
CA LEU A 327 16.00 -7.75 10.06
C LEU A 327 15.65 -8.99 10.86
N ALA A 328 15.66 -8.92 12.20
CA ALA A 328 15.18 -10.05 12.99
C ALA A 328 13.66 -10.22 12.89
N ILE A 329 12.91 -9.12 12.77
CA ILE A 329 11.47 -9.23 12.58
C ILE A 329 11.14 -9.63 11.16
N GLY A 330 11.83 -9.01 10.18
CA GLY A 330 11.51 -9.24 8.78
C GLY A 330 11.87 -10.62 8.30
N LEU A 331 12.82 -11.28 8.99
CA LEU A 331 13.10 -12.68 8.70
C LEU A 331 11.82 -13.51 8.70
N TYR A 332 10.88 -13.20 9.60
CA TYR A 332 9.68 -14.03 9.73
C TYR A 332 8.56 -13.57 8.83
N GLU A 333 8.48 -12.27 8.56
CA GLU A 333 7.48 -11.79 7.63
C GLU A 333 7.73 -12.40 6.25
N GLY A 334 9.00 -12.45 5.84
CA GLY A 334 9.38 -13.06 4.57
C GLY A 334 9.03 -14.53 4.46
N ILE A 335 8.89 -15.24 5.59
CA ILE A 335 8.58 -16.68 5.58
C ILE A 335 7.07 -16.96 5.53
N ASP A 336 6.25 -16.04 6.05
CA ASP A 336 4.82 -16.28 6.24
C ASP A 336 4.15 -16.80 4.96
N GLU A 337 3.48 -17.96 5.06
CA GLU A 337 2.97 -18.62 3.87
C GLU A 337 1.89 -17.82 3.17
N ASP A 338 1.14 -16.98 3.89
CA ASP A 338 0.16 -16.13 3.23
C ASP A 338 0.84 -15.07 2.39
N TYR A 339 1.91 -14.48 2.92
CA TYR A 339 2.67 -13.52 2.12
C TYR A 339 3.31 -14.19 0.91
N LEU A 340 3.79 -15.44 1.06
CA LEU A 340 4.41 -16.12 -0.08
C LEU A 340 3.39 -16.45 -1.16
N LYS A 341 2.14 -16.70 -0.80
CA LYS A 341 1.15 -16.99 -1.84
C LYS A 341 0.79 -15.72 -2.61
N TYR A 342 0.54 -14.63 -1.90
CA TYR A 342 0.32 -13.34 -2.54
C TYR A 342 1.44 -13.02 -3.51
N ARG A 343 2.69 -13.19 -3.07
CA ARG A 343 3.84 -12.75 -3.85
C ARG A 343 3.99 -13.59 -5.10
N ASN A 344 3.88 -14.91 -4.97
CA ASN A 344 3.86 -15.76 -6.16
C ASN A 344 2.71 -15.35 -7.08
N GLY A 345 1.58 -14.94 -6.50
CA GLY A 345 0.42 -14.63 -7.31
C GLY A 345 0.58 -13.37 -8.13
N GLN A 346 1.26 -12.35 -7.58
CA GLN A 346 1.62 -11.18 -8.38
C GLN A 346 2.24 -11.64 -9.68
N MET A 347 3.28 -12.48 -9.55
CA MET A 347 4.07 -12.90 -10.69
C MET A 347 3.19 -13.67 -11.66
N GLU A 348 2.49 -14.68 -11.15
CA GLU A 348 1.52 -15.39 -11.95
C GLU A 348 0.58 -14.43 -12.68
N TYR A 349 0.04 -13.46 -11.95
CA TYR A 349 -0.90 -12.51 -12.56
C TYR A 349 -0.25 -11.78 -13.72
N LEU A 350 1.00 -11.30 -13.52
CA LEU A 350 1.70 -10.54 -14.55
C LEU A 350 2.01 -11.42 -15.74
N ALA A 351 2.29 -12.70 -15.51
CA ALA A 351 2.65 -13.59 -16.59
C ALA A 351 1.43 -13.98 -17.38
N SER A 352 0.38 -14.46 -16.70
CA SER A 352 -0.90 -14.66 -17.38
C SER A 352 -1.19 -13.50 -18.30
N ARG A 353 -1.17 -12.29 -17.75
CA ARG A 353 -1.60 -11.10 -18.54
C ARG A 353 -0.72 -10.96 -19.78
N LEU A 354 0.57 -11.18 -19.62
CA LEU A 354 1.52 -11.11 -20.72
C LEU A 354 1.33 -12.26 -21.71
N ASP A 355 1.07 -13.49 -21.24
CA ASP A 355 0.70 -14.55 -22.18
C ASP A 355 -0.41 -14.05 -23.09
N ASP A 356 -1.37 -13.39 -22.49
CA ASP A 356 -2.65 -13.16 -23.14
C ASP A 356 -2.50 -12.11 -24.24
N ALA A 357 -1.55 -11.19 -24.10
CA ALA A 357 -1.30 -10.17 -25.10
C ALA A 357 -0.32 -10.61 -26.18
N GLY A 358 0.35 -11.76 -26.00
CA GLY A 358 1.28 -12.26 -26.99
C GLY A 358 2.71 -11.81 -26.84
N ILE A 359 3.12 -11.33 -25.62
CA ILE A 359 4.47 -10.83 -25.39
C ILE A 359 5.39 -11.95 -24.90
N ALA A 360 6.64 -11.91 -25.31
CA ALA A 360 7.59 -12.97 -25.02
C ALA A 360 8.40 -12.67 -23.77
N TYR A 361 8.44 -13.62 -22.82
CA TYR A 361 9.17 -13.50 -21.56
C TYR A 361 9.71 -14.87 -21.17
N GLN A 362 10.66 -14.91 -20.22
CA GLN A 362 11.19 -16.18 -19.75
C GLN A 362 10.08 -17.07 -19.17
N ALA A 363 9.64 -18.11 -19.94
CA ALA A 363 8.39 -18.88 -19.84
C ALA A 363 7.95 -19.23 -18.42
N PRO A 364 8.70 -20.04 -17.68
CA PRO A 364 8.33 -20.22 -16.26
C PRO A 364 8.74 -18.99 -15.45
N ILE A 365 7.82 -18.04 -15.21
CA ILE A 365 8.20 -16.78 -14.58
C ILE A 365 8.73 -17.06 -13.18
N GLY A 366 9.73 -16.27 -12.77
CA GLY A 366 10.49 -16.52 -11.57
C GLY A 366 9.91 -15.83 -10.33
N GLY A 367 10.58 -16.08 -9.20
CA GLY A 367 10.09 -15.60 -7.93
C GLY A 367 9.81 -14.09 -7.90
N HIS A 368 10.67 -13.28 -8.54
CA HIS A 368 10.68 -11.85 -8.24
C HIS A 368 10.51 -10.95 -9.46
N GLY A 369 10.04 -11.46 -10.58
CA GLY A 369 9.67 -10.57 -11.67
C GLY A 369 9.92 -11.18 -13.05
N ALA A 370 9.64 -10.37 -14.06
CA ALA A 370 9.57 -10.84 -15.44
C ALA A 370 10.73 -10.27 -16.27
N PHE A 371 11.11 -11.04 -17.30
CA PHE A 371 12.20 -10.68 -18.20
C PHE A 371 11.61 -10.62 -19.62
N ILE A 372 11.40 -9.42 -20.14
CA ILE A 372 10.78 -9.28 -21.46
C ILE A 372 11.84 -9.46 -22.54
N ASP A 373 11.53 -10.24 -23.59
CA ASP A 373 12.48 -10.53 -24.66
C ASP A 373 12.55 -9.36 -25.63
N ALA A 374 13.50 -8.43 -25.42
CA ALA A 374 13.53 -7.21 -26.22
C ALA A 374 13.83 -7.50 -27.69
N LYS A 375 14.72 -8.46 -27.97
CA LYS A 375 15.04 -8.76 -29.36
C LYS A 375 13.80 -9.26 -30.11
N ALA A 376 12.85 -9.85 -29.42
CA ALA A 376 11.66 -10.35 -30.09
C ALA A 376 10.70 -9.21 -30.46
N MET A 377 10.66 -8.17 -29.64
CA MET A 377 9.74 -7.10 -29.97
C MET A 377 10.36 -6.15 -31.01
N PHE A 378 11.69 -6.02 -31.01
CA PHE A 378 12.43 -5.13 -31.91
C PHE A 378 13.43 -5.92 -32.76
N PRO A 379 12.94 -6.74 -33.68
CA PRO A 379 13.86 -7.47 -34.57
C PRO A 379 14.67 -6.56 -35.47
N GLN A 380 14.25 -5.31 -35.64
CA GLN A 380 15.05 -4.36 -36.41
C GLN A 380 16.34 -3.99 -35.68
N ILE A 381 16.32 -3.97 -34.36
CA ILE A 381 17.47 -3.52 -33.57
C ILE A 381 18.39 -4.70 -33.37
N PRO A 382 19.59 -4.72 -33.96
CA PRO A 382 20.55 -5.79 -33.66
C PRO A 382 21.15 -5.60 -32.28
N TYR A 383 21.83 -6.65 -31.81
CA TYR A 383 22.37 -6.63 -30.45
C TYR A 383 23.19 -5.37 -30.18
N ASN A 384 24.04 -4.97 -31.13
CA ASN A 384 24.96 -3.87 -30.84
C ASN A 384 24.27 -2.52 -30.78
N GLU A 385 23.00 -2.44 -31.19
CA GLU A 385 22.21 -1.24 -31.02
C GLU A 385 21.36 -1.31 -29.78
N TYR A 386 21.45 -2.42 -29.03
CA TYR A 386 20.91 -2.60 -27.68
C TYR A 386 19.39 -2.61 -27.70
N PRO A 387 18.77 -3.73 -28.07
CA PRO A 387 17.30 -3.83 -27.96
C PRO A 387 16.81 -3.70 -26.53
N GLY A 388 17.58 -4.19 -25.58
CA GLY A 388 17.22 -4.03 -24.19
C GLY A 388 16.97 -2.58 -23.80
N GLN A 389 17.95 -1.69 -24.01
CA GLN A 389 17.74 -0.28 -23.66
C GLN A 389 16.61 0.35 -24.47
N VAL A 390 16.40 -0.09 -25.71
CA VAL A 390 15.32 0.46 -26.53
C VAL A 390 13.99 0.22 -25.86
N LEU A 391 13.76 -1.00 -25.35
CA LEU A 391 12.55 -1.31 -24.61
C LEU A 391 12.52 -0.59 -23.27
N ALA A 392 13.63 -0.65 -22.54
CA ALA A 392 13.71 -0.01 -21.23
C ALA A 392 13.40 1.48 -21.35
N ILE A 393 14.20 2.19 -22.17
CA ILE A 393 13.95 3.62 -22.42
C ILE A 393 12.49 3.80 -22.80
N GLU A 394 11.98 2.85 -23.56
CA GLU A 394 10.73 3.14 -24.26
C GLU A 394 9.54 2.89 -23.32
N LEU A 395 9.77 2.02 -22.32
CA LEU A 395 8.73 1.71 -21.31
C LEU A 395 8.68 2.86 -20.31
N TYR A 396 9.84 3.45 -20.02
CA TYR A 396 9.83 4.64 -19.17
C TYR A 396 9.03 5.76 -19.81
N ILE A 397 9.34 6.09 -21.07
CA ILE A 397 8.59 7.09 -21.82
C ILE A 397 7.10 6.79 -21.81
N GLU A 398 6.72 5.51 -21.71
CA GLU A 398 5.33 5.07 -21.77
C GLU A 398 4.58 5.34 -20.48
N ALA A 399 5.15 4.99 -19.33
CA ALA A 399 4.40 5.10 -18.08
C ALA A 399 5.30 5.36 -16.88
N GLY A 400 6.42 6.04 -17.07
CA GLY A 400 7.41 6.20 -16.02
C GLY A 400 7.79 4.91 -15.28
N ILE A 401 7.79 3.76 -15.95
CA ILE A 401 8.34 2.55 -15.37
C ILE A 401 9.83 2.56 -15.65
N ARG A 402 10.63 2.07 -14.71
CA ARG A 402 12.09 2.08 -14.84
C ARG A 402 12.59 0.65 -14.78
N THR A 403 13.18 0.19 -15.88
CA THR A 403 13.73 -1.15 -15.99
C THR A 403 15.22 -1.04 -16.31
N CYS A 404 15.83 -2.19 -16.58
CA CYS A 404 17.21 -2.21 -17.06
C CYS A 404 17.42 -3.39 -18.01
N ASP A 405 18.23 -3.15 -19.03
CA ASP A 405 18.74 -4.19 -19.93
C ASP A 405 19.48 -5.28 -19.18
N ILE A 406 19.03 -6.54 -19.36
CA ILE A 406 19.83 -7.71 -19.01
C ILE A 406 20.27 -8.34 -20.32
N GLY A 407 21.02 -7.61 -21.13
CA GLY A 407 21.33 -8.10 -22.46
C GLY A 407 22.71 -7.66 -22.92
N SER A 408 22.81 -7.24 -24.17
CA SER A 408 24.11 -6.89 -24.72
C SER A 408 24.64 -5.57 -24.15
N TYR A 409 23.76 -4.61 -23.88
CA TYR A 409 24.22 -3.37 -23.25
C TYR A 409 24.88 -3.67 -21.90
N MET A 410 24.21 -4.47 -21.07
CA MET A 410 24.77 -4.82 -19.77
C MET A 410 26.00 -5.72 -19.87
N LEU A 411 26.13 -6.48 -20.94
CA LEU A 411 27.21 -7.44 -21.00
C LEU A 411 28.55 -6.74 -21.12
N GLY A 412 28.61 -5.60 -21.82
CA GLY A 412 29.84 -4.82 -21.91
C GLY A 412 30.68 -5.17 -23.12
N ASN A 413 31.90 -4.65 -23.12
CA ASN A 413 32.83 -4.90 -24.24
C ASN A 413 33.87 -5.92 -23.78
N ASP A 414 34.51 -6.61 -24.72
CA ASP A 414 35.51 -7.65 -24.38
C ASP A 414 36.59 -7.04 -23.49
N PRO A 415 36.95 -7.67 -22.34
CA PRO A 415 38.02 -7.15 -21.48
C PRO A 415 39.36 -7.02 -22.21
N ASP A 416 39.59 -7.85 -23.23
CA ASP A 416 40.89 -7.83 -23.97
C ASP A 416 40.72 -7.16 -25.33
N THR A 417 39.77 -7.65 -26.15
CA THR A 417 39.61 -7.13 -27.49
C THR A 417 39.01 -5.74 -27.53
N GLY A 418 38.31 -5.33 -26.50
CA GLY A 418 37.58 -4.08 -26.49
C GLY A 418 36.29 -4.09 -27.27
N LYS A 419 35.99 -5.16 -27.99
CA LYS A 419 34.87 -5.13 -28.94
C LYS A 419 33.56 -5.46 -28.21
N GLN A 420 32.45 -4.93 -28.73
CA GLN A 420 31.18 -5.09 -28.05
C GLN A 420 30.73 -6.56 -28.09
N LEU A 421 30.42 -7.11 -26.91
CA LEU A 421 30.03 -8.51 -26.80
C LEU A 421 28.60 -8.71 -27.27
N GLU A 422 28.30 -9.90 -27.79
CA GLU A 422 26.94 -10.25 -28.20
C GLU A 422 26.35 -11.15 -27.11
N ALA A 423 25.24 -10.73 -26.52
CA ALA A 423 24.60 -11.52 -25.47
C ALA A 423 23.76 -12.65 -26.05
N ASP A 424 23.57 -13.69 -25.24
CA ASP A 424 22.71 -14.80 -25.66
C ASP A 424 21.27 -14.32 -25.83
N PHE A 425 20.77 -13.52 -24.89
CA PHE A 425 19.41 -13.02 -24.93
C PHE A 425 19.44 -11.52 -24.73
N GLU A 426 18.39 -10.86 -25.23
CA GLU A 426 18.14 -9.46 -24.90
C GLU A 426 16.91 -9.42 -24.02
N PHE A 427 17.11 -9.30 -22.72
CA PHE A 427 16.02 -9.12 -21.79
C PHE A 427 16.06 -7.69 -21.25
N THR A 428 14.89 -7.17 -20.95
CA THR A 428 14.79 -6.06 -20.02
C THR A 428 14.10 -6.61 -18.79
N ARG A 429 14.60 -6.28 -17.62
CA ARG A 429 14.17 -6.93 -16.39
C ARG A 429 13.21 -6.02 -15.62
N LEU A 430 12.11 -6.61 -15.15
CA LEU A 430 11.21 -5.98 -14.17
C LEU A 430 11.41 -6.67 -12.83
N ALA A 431 12.26 -6.09 -11.97
CA ALA A 431 12.47 -6.60 -10.63
C ALA A 431 11.52 -5.92 -9.65
N ILE A 432 10.78 -6.71 -8.88
CA ILE A 432 9.64 -6.19 -8.11
C ILE A 432 10.03 -6.13 -6.64
N PRO A 433 10.24 -4.96 -6.05
CA PRO A 433 10.38 -4.87 -4.59
C PRO A 433 9.11 -5.40 -3.89
N ARG A 434 9.28 -5.87 -2.64
CA ARG A 434 8.25 -6.66 -1.95
C ARG A 434 7.29 -5.79 -1.13
N ARG A 435 5.98 -5.96 -1.38
CA ARG A 435 4.90 -5.30 -0.64
C ARG A 435 4.82 -3.82 -0.89
N VAL A 436 5.17 -3.38 -2.11
CA VAL A 436 5.19 -1.91 -2.38
C VAL A 436 4.27 -1.55 -3.58
N TYR A 437 4.07 -2.45 -4.54
CA TYR A 437 3.21 -2.08 -5.68
C TYR A 437 1.94 -2.91 -5.65
N THR A 438 0.87 -2.34 -6.19
CA THR A 438 -0.43 -3.00 -6.11
C THR A 438 -0.80 -3.62 -7.44
N GLN A 439 -1.89 -4.38 -7.41
CA GLN A 439 -2.44 -4.90 -8.66
C GLN A 439 -2.56 -3.79 -9.71
N SER A 440 -3.06 -2.62 -9.31
CA SER A 440 -3.22 -1.52 -10.24
C SER A 440 -1.89 -1.12 -10.90
N HIS A 441 -0.78 -1.19 -10.16
CA HIS A 441 0.52 -0.91 -10.77
C HIS A 441 0.92 -2.01 -11.74
N PHE A 442 0.62 -3.28 -11.41
CA PHE A 442 0.95 -4.37 -12.30
C PHE A 442 0.20 -4.24 -13.62
N ASP A 443 -1.07 -3.79 -13.56
CA ASP A 443 -1.76 -3.42 -14.79
C ASP A 443 -1.09 -2.24 -15.51
N VAL A 444 -0.52 -1.29 -14.76
CA VAL A 444 0.28 -0.24 -15.40
C VAL A 444 1.48 -0.84 -16.13
N MET A 445 2.09 -1.88 -15.55
CA MET A 445 3.25 -2.52 -16.19
C MET A 445 2.82 -3.31 -17.41
N ALA A 446 1.92 -4.28 -17.24
CA ALA A 446 1.53 -5.10 -18.39
C ALA A 446 1.08 -4.22 -19.54
N ASP A 447 0.25 -3.21 -19.24
CA ASP A 447 -0.32 -2.38 -20.28
C ASP A 447 0.74 -1.54 -21.01
N ALA A 448 1.69 -0.94 -20.27
CA ALA A 448 2.77 -0.19 -20.91
C ALA A 448 3.57 -1.08 -21.85
N ILE A 449 3.75 -2.35 -21.48
CA ILE A 449 4.46 -3.29 -22.34
C ILE A 449 3.71 -3.45 -23.65
N ILE A 450 2.40 -3.69 -23.56
CA ILE A 450 1.59 -3.94 -24.74
C ILE A 450 1.55 -2.72 -25.64
N GLU A 451 1.66 -1.51 -25.08
CA GLU A 451 1.62 -0.31 -25.92
C GLU A 451 2.87 -0.19 -26.79
N VAL A 452 4.05 -0.43 -26.22
CA VAL A 452 5.26 -0.40 -27.04
C VAL A 452 5.21 -1.48 -28.11
N SER A 453 4.69 -2.68 -27.79
CA SER A 453 4.53 -3.69 -28.83
C SER A 453 3.76 -3.12 -30.01
N LYS A 454 2.62 -2.49 -29.74
CA LYS A 454 1.73 -1.98 -30.78
C LYS A 454 2.40 -0.95 -31.69
N ARG A 455 3.52 -0.35 -31.28
CA ARG A 455 4.21 0.64 -32.09
C ARG A 455 5.71 0.32 -32.24
N ALA A 456 6.14 -0.88 -31.84
CA ALA A 456 7.56 -1.22 -31.94
C ALA A 456 8.08 -1.00 -33.34
N HIS A 457 7.28 -1.35 -34.35
CA HIS A 457 7.73 -1.26 -35.72
C HIS A 457 8.24 0.13 -36.08
N GLU A 458 7.95 1.14 -35.28
CA GLU A 458 8.31 2.50 -35.67
C GLU A 458 9.73 2.88 -35.30
N ILE A 459 10.25 2.42 -34.15
CA ILE A 459 11.66 2.60 -33.79
C ILE A 459 12.51 1.83 -34.79
N LYS A 460 13.08 2.53 -35.78
CA LYS A 460 13.85 1.85 -36.81
C LYS A 460 15.32 1.67 -36.42
N ARG A 461 15.78 2.30 -35.34
CA ARG A 461 17.18 2.22 -34.95
C ARG A 461 17.29 2.20 -33.42
N GLY A 462 18.32 1.50 -32.95
CA GLY A 462 18.59 1.39 -31.53
C GLY A 462 19.39 2.56 -31.01
N TYR A 463 20.31 2.28 -30.08
CA TYR A 463 21.08 3.34 -29.45
C TYR A 463 22.57 3.10 -29.66
N LYS A 464 23.33 4.17 -29.48
CA LYS A 464 24.77 4.12 -29.66
C LYS A 464 25.41 4.75 -28.43
N ILE A 465 26.64 4.34 -28.14
CA ILE A 465 27.28 4.74 -26.90
C ILE A 465 28.15 5.95 -27.17
N ILE A 466 27.87 7.02 -26.43
CA ILE A 466 28.55 8.31 -26.55
C ILE A 466 29.84 8.34 -25.73
N TRP A 467 29.76 7.86 -24.49
CA TRP A 467 30.89 7.76 -23.60
C TRP A 467 30.64 6.60 -22.67
N GLU A 468 31.72 5.85 -22.37
CA GLU A 468 31.65 4.75 -21.42
C GLU A 468 33.01 4.59 -20.74
N PRO A 469 33.04 4.28 -19.43
CA PRO A 469 34.28 3.88 -18.79
C PRO A 469 34.66 2.47 -19.17
N PRO A 470 35.87 2.04 -18.85
CA PRO A 470 36.30 0.69 -19.23
C PRO A 470 35.66 -0.40 -18.42
N ILE A 471 35.04 -0.08 -17.29
CA ILE A 471 34.56 -1.09 -16.37
C ILE A 471 33.14 -0.72 -15.90
N LEU A 472 32.38 -1.73 -15.51
CA LEU A 472 30.97 -1.60 -15.14
C LEU A 472 30.27 -0.59 -16.04
N ARG A 473 30.49 -0.76 -17.35
CA ARG A 473 29.96 0.10 -18.40
C ARG A 473 28.50 0.54 -18.18
N HIS A 474 27.58 -0.43 -18.09
CA HIS A 474 26.17 -0.08 -18.20
C HIS A 474 25.70 0.81 -17.07
N PHE A 475 26.40 0.81 -15.94
CA PHE A 475 25.98 1.65 -14.84
C PHE A 475 26.13 3.12 -15.17
N GLN A 476 27.03 3.45 -16.10
CA GLN A 476 27.62 4.78 -16.15
C GLN A 476 27.51 5.43 -17.52
N ALA A 477 27.42 4.61 -18.56
CA ALA A 477 27.59 5.07 -19.92
C ALA A 477 26.50 6.05 -20.33
N SER A 478 26.81 6.85 -21.35
CA SER A 478 25.86 7.76 -21.96
C SER A 478 25.56 7.28 -23.39
N LEU A 479 24.29 7.35 -23.77
CA LEU A 479 23.84 6.87 -25.06
C LEU A 479 23.08 7.97 -25.80
N ALA A 480 22.91 7.79 -27.10
CA ALA A 480 22.00 8.58 -27.92
C ALA A 480 21.30 7.67 -28.92
N PRO A 481 20.19 8.13 -29.49
CA PRO A 481 19.54 7.36 -30.56
C PRO A 481 20.19 7.61 -31.91
N ILE A 482 19.96 6.68 -32.81
CA ILE A 482 20.40 6.80 -34.17
C ILE A 482 19.24 7.27 -35.04
N ALA B 23 -17.70 -1.64 -16.68
CA ALA B 23 -16.49 -1.82 -17.46
C ALA B 23 -15.40 -0.83 -17.04
N VAL B 24 -15.74 0.04 -16.08
CA VAL B 24 -14.78 1.00 -15.53
C VAL B 24 -13.51 0.34 -15.01
N LYS B 25 -12.38 1.03 -15.19
CA LYS B 25 -11.08 0.57 -14.72
C LYS B 25 -10.64 1.40 -13.52
N TYR B 26 -10.16 0.71 -12.48
CA TYR B 26 -9.54 1.36 -11.33
C TYR B 26 -8.47 2.37 -11.76
N ILE B 27 -8.27 3.39 -10.95
CA ILE B 27 -7.24 4.41 -11.18
C ILE B 27 -6.03 4.06 -10.32
N PRO B 28 -4.86 3.84 -10.90
CA PRO B 28 -3.71 3.41 -10.08
C PRO B 28 -3.29 4.46 -9.06
N GLU B 29 -2.92 3.99 -7.87
CA GLU B 29 -2.46 4.83 -6.76
C GLU B 29 -1.34 5.78 -7.19
N PRO B 30 -1.48 7.10 -6.97
CA PRO B 30 -0.36 8.03 -7.23
C PRO B 30 0.73 7.94 -6.17
N PHE B 31 1.03 6.73 -5.70
CA PHE B 31 1.96 6.55 -4.60
C PHE B 31 2.36 5.09 -4.56
N ARG B 32 3.45 4.79 -3.87
CA ARG B 32 3.78 3.40 -3.58
C ARG B 32 3.62 3.17 -2.10
N ILE B 33 3.53 1.91 -1.71
CA ILE B 33 3.37 1.52 -0.31
C ILE B 33 4.72 1.66 0.35
N LYS B 34 4.77 2.28 1.53
CA LYS B 34 6.04 2.37 2.24
C LYS B 34 6.04 1.59 3.55
N MET B 35 4.89 1.43 4.17
CA MET B 35 4.79 0.64 5.39
C MET B 35 3.46 -0.09 5.41
N VAL B 36 3.47 -1.28 6.01
CA VAL B 36 2.41 -2.26 5.88
C VAL B 36 1.90 -2.62 7.26
N GLU B 37 0.59 -2.86 7.35
CA GLU B 37 0.04 -3.44 8.56
C GLU B 37 -0.38 -4.86 8.22
N PRO B 38 0.30 -5.88 8.72
CA PRO B 38 -0.09 -7.25 8.37
C PRO B 38 -1.38 -7.62 9.07
N ILE B 39 -2.21 -8.41 8.38
CA ILE B 39 -3.49 -8.89 8.90
C ILE B 39 -3.45 -10.41 8.95
N LYS B 40 -3.76 -10.96 10.12
CA LYS B 40 -3.92 -12.40 10.25
C LYS B 40 -5.18 -12.84 9.49
N MET B 41 -4.99 -13.75 8.52
CA MET B 41 -6.12 -14.27 7.72
C MET B 41 -6.89 -15.32 8.53
N LEU B 42 -8.21 -15.24 8.55
CA LEU B 42 -9.07 -16.15 9.30
C LEU B 42 -9.83 -17.14 8.43
N THR B 43 -10.11 -18.28 9.07
CA THR B 43 -11.01 -19.31 8.55
C THR B 43 -12.45 -18.80 8.58
N ARG B 44 -13.15 -18.96 7.46
CA ARG B 44 -14.59 -18.77 7.47
C ARG B 44 -15.21 -19.46 8.68
N GLU B 45 -14.74 -20.67 9.00
CA GLU B 45 -15.14 -21.30 10.25
C GLU B 45 -14.70 -20.44 11.43
N GLU B 46 -13.42 -20.07 11.47
CA GLU B 46 -12.91 -19.27 12.58
C GLU B 46 -13.69 -17.96 12.75
N ARG B 47 -14.07 -17.31 11.65
CA ARG B 47 -14.75 -16.02 11.75
C ARG B 47 -16.11 -16.13 12.40
N ILE B 48 -16.81 -17.24 12.15
CA ILE B 48 -18.16 -17.37 12.68
C ILE B 48 -18.13 -17.41 14.20
N GLU B 49 -17.18 -18.15 14.77
CA GLU B 49 -17.01 -18.10 16.22
C GLU B 49 -16.72 -16.67 16.67
N LYS B 50 -15.92 -15.94 15.90
CA LYS B 50 -15.53 -14.59 16.30
C LYS B 50 -16.73 -13.67 16.38
N ILE B 51 -17.73 -13.86 15.52
CA ILE B 51 -18.90 -12.98 15.54
C ILE B 51 -19.94 -13.47 16.53
N LYS B 52 -20.25 -14.76 16.55
CA LYS B 52 -21.10 -15.28 17.61
C LYS B 52 -20.55 -14.86 18.96
N GLU B 53 -19.26 -15.11 19.17
CA GLU B 53 -18.61 -14.69 20.40
C GLU B 53 -18.82 -13.22 20.71
N ALA B 54 -19.03 -12.39 19.68
CA ALA B 54 -19.20 -10.94 19.87
C ALA B 54 -20.66 -10.52 19.79
N ASN B 55 -21.59 -11.43 20.07
CA ASN B 55 -23.02 -11.13 20.12
C ASN B 55 -23.56 -10.53 18.82
N TYR B 56 -23.04 -10.97 17.69
CA TYR B 56 -23.64 -10.64 16.40
C TYR B 56 -23.76 -9.15 16.21
N ASN B 57 -22.89 -8.39 16.86
CA ASN B 57 -22.84 -6.94 16.71
C ASN B 57 -21.43 -6.55 16.30
N LEU B 58 -21.27 -6.08 15.05
CA LEU B 58 -19.95 -5.87 14.48
C LEU B 58 -19.05 -5.03 15.38
N PHE B 59 -19.65 -4.15 16.19
CA PHE B 59 -18.89 -3.24 17.05
C PHE B 59 -18.13 -3.97 18.14
N ASN B 60 -18.45 -5.24 18.41
CA ASN B 60 -17.77 -6.05 19.40
C ASN B 60 -16.58 -6.80 18.83
N LEU B 61 -16.44 -6.87 17.52
CA LEU B 61 -15.32 -7.60 16.94
C LEU B 61 -14.03 -6.89 17.28
N LYS B 62 -13.03 -7.66 17.69
CA LYS B 62 -11.68 -7.10 17.83
C LYS B 62 -11.14 -6.78 16.44
N GLY B 63 -10.57 -5.59 16.30
CA GLY B 63 -10.05 -5.19 14.99
C GLY B 63 -9.03 -6.16 14.41
N ALA B 64 -8.31 -6.88 15.27
CA ALA B 64 -7.37 -7.85 14.73
C ALA B 64 -8.06 -8.96 13.95
N ASP B 65 -9.35 -9.18 14.18
CA ASP B 65 -10.10 -10.22 13.49
C ASP B 65 -10.92 -9.68 12.32
N VAL B 66 -10.57 -8.48 11.83
CA VAL B 66 -11.21 -7.87 10.67
C VAL B 66 -10.18 -7.70 9.56
N TYR B 67 -10.54 -8.09 8.34
CA TYR B 67 -9.68 -8.00 7.17
C TYR B 67 -9.80 -6.62 6.51
N ILE B 68 -10.88 -6.40 5.77
CA ILE B 68 -11.23 -5.07 5.28
C ILE B 68 -12.14 -4.45 6.34
N ASP B 69 -11.63 -3.42 7.05
CA ASP B 69 -12.41 -2.77 8.10
C ASP B 69 -13.05 -1.47 7.59
N LEU B 70 -14.35 -1.51 7.37
CA LEU B 70 -15.02 -0.38 6.75
C LEU B 70 -16.04 0.29 7.68
N LEU B 71 -15.90 0.20 9.01
CA LEU B 71 -16.79 0.98 9.88
C LEU B 71 -16.85 2.45 9.51
N THR B 72 -15.74 3.17 9.59
CA THR B 72 -15.72 4.57 9.24
C THR B 72 -14.53 4.88 8.36
N ASP B 73 -14.69 5.96 7.60
CA ASP B 73 -13.53 6.62 7.02
C ASP B 73 -13.00 7.70 7.95
N SER B 74 -13.56 7.82 9.16
CA SER B 74 -13.11 8.83 10.10
C SER B 74 -11.90 8.34 10.89
N GLY B 75 -10.74 8.93 10.63
CA GLY B 75 -9.58 8.74 11.48
C GLY B 75 -8.85 7.44 11.29
N THR B 76 -9.11 6.70 10.21
CA THR B 76 -8.47 5.41 9.95
C THR B 76 -7.60 5.45 8.70
N ASN B 77 -7.39 6.65 8.14
CA ASN B 77 -6.62 6.87 6.93
C ASN B 77 -5.14 6.51 7.13
N ALA B 78 -4.47 6.16 6.03
CA ALA B 78 -3.03 5.98 6.04
C ALA B 78 -2.33 7.31 5.72
N MET B 79 -1.35 7.69 6.52
CA MET B 79 -0.67 8.95 6.24
C MET B 79 0.47 8.66 5.28
N SER B 80 1.21 9.73 4.92
CA SER B 80 2.41 9.63 4.11
C SER B 80 3.65 9.76 4.99
N HIS B 81 4.79 9.35 4.39
CA HIS B 81 6.09 9.46 5.10
C HIS B 81 6.36 10.94 5.41
N ASP B 82 5.92 11.84 4.53
CA ASP B 82 6.05 13.27 4.86
C ASP B 82 5.29 13.62 6.13
N GLN B 83 4.06 13.09 6.26
CA GLN B 83 3.29 13.31 7.48
C GLN B 83 4.01 12.72 8.70
N TRP B 84 4.60 11.54 8.55
CA TRP B 84 5.26 10.92 9.67
C TRP B 84 6.56 11.63 10.03
N SER B 85 7.28 12.21 9.05
CA SER B 85 8.43 12.98 9.47
C SER B 85 7.96 14.24 10.18
N GLY B 86 6.79 14.77 9.79
CA GLY B 86 6.02 15.69 10.62
C GLY B 86 5.83 15.17 12.04
N VAL B 87 5.29 13.95 12.21
CA VAL B 87 5.08 13.38 13.54
C VAL B 87 6.35 13.49 14.39
N MET B 88 7.51 13.10 13.81
CA MET B 88 8.75 13.14 14.59
C MET B 88 9.21 14.56 14.93
N ARG B 89 8.84 15.57 14.15
CA ARG B 89 9.32 16.92 14.43
C ARG B 89 8.35 17.70 15.31
N GLY B 90 7.24 17.10 15.71
CA GLY B 90 6.16 17.83 16.38
C GLY B 90 6.54 18.52 17.68
N ASP B 91 6.32 19.84 17.73
CA ASP B 91 6.52 20.67 18.94
C ASP B 91 5.42 20.41 19.97
N GLU B 92 5.79 19.96 21.16
CA GLU B 92 4.78 19.68 22.18
C GLU B 92 4.58 20.84 23.15
N ALA B 93 5.10 22.01 22.82
CA ALA B 93 5.02 23.17 23.71
C ALA B 93 3.58 23.49 24.07
N TYR B 94 3.36 23.91 25.31
CA TYR B 94 2.00 24.25 25.75
C TYR B 94 1.48 25.50 25.04
N ALA B 95 2.34 26.50 24.82
CA ALA B 95 1.97 27.74 24.16
C ALA B 95 3.02 28.05 23.11
N GLY B 96 2.57 28.38 21.90
CA GLY B 96 3.45 28.88 20.85
C GLY B 96 4.22 27.85 20.06
N ALA B 97 3.77 26.59 20.06
CA ALA B 97 4.47 25.52 19.36
C ALA B 97 4.60 25.81 17.87
N SER B 98 5.76 25.44 17.32
CA SER B 98 6.01 25.52 15.88
C SER B 98 4.85 24.95 15.09
N SER B 99 4.41 23.76 15.50
CA SER B 99 3.43 22.97 14.77
C SER B 99 2.14 23.75 14.54
N TYR B 100 1.74 24.55 15.54
CA TYR B 100 0.53 25.33 15.47
C TYR B 100 0.62 26.39 14.38
N PHE B 101 1.77 27.03 14.26
CA PHE B 101 1.90 28.07 13.25
C PHE B 101 1.91 27.49 11.84
N ARG B 102 2.52 26.32 11.67
CA ARG B 102 2.45 25.62 10.39
C ARG B 102 1.01 25.32 10.03
N LEU B 103 0.26 24.74 10.98
CA LEU B 103 -1.13 24.37 10.74
C LEU B 103 -1.97 25.59 10.45
N VAL B 104 -1.70 26.69 11.15
CA VAL B 104 -2.44 27.93 10.92
C VAL B 104 -2.21 28.44 9.51
N ASP B 105 -0.94 28.49 9.08
CA ASP B 105 -0.62 28.91 7.72
C ASP B 105 -1.29 28.03 6.68
N ALA B 106 -1.19 26.71 6.84
CA ALA B 106 -1.85 25.80 5.91
C ALA B 106 -3.32 26.18 5.75
N GLY B 107 -4.03 26.35 6.88
CA GLY B 107 -5.45 26.67 6.83
C GLY B 107 -5.75 28.03 6.21
N LYS B 108 -5.06 29.09 6.65
CA LYS B 108 -5.24 30.39 6.02
C LYS B 108 -5.04 30.28 4.52
N ASP B 109 -4.09 29.46 4.08
CA ASP B 109 -3.75 29.44 2.66
C ASP B 109 -4.77 28.66 1.85
N ILE B 110 -5.13 27.47 2.31
CA ILE B 110 -6.08 26.64 1.60
C ILE B 110 -7.44 27.36 1.53
N PHE B 111 -7.90 27.88 2.66
CA PHE B 111 -9.27 28.38 2.76
C PHE B 111 -9.39 29.88 2.53
N ASN B 112 -8.29 30.61 2.57
CA ASN B 112 -8.31 32.05 2.36
C ASN B 112 -9.12 32.76 3.43
N TYR B 113 -9.08 32.23 4.64
CA TYR B 113 -9.72 32.80 5.81
C TYR B 113 -8.71 33.54 6.65
N GLY B 114 -9.22 34.48 7.47
CA GLY B 114 -8.39 35.23 8.36
C GLY B 114 -8.06 34.53 9.67
N PHE B 115 -8.85 33.55 10.08
CA PHE B 115 -8.66 32.90 11.38
C PHE B 115 -8.93 31.42 11.27
N ILE B 116 -7.96 30.61 11.73
CA ILE B 116 -8.09 29.13 11.73
C ILE B 116 -7.76 28.63 13.15
N GLN B 117 -8.73 28.02 13.84
CA GLN B 117 -8.52 27.50 15.21
C GLN B 117 -8.40 25.98 15.23
N PRO B 118 -7.25 25.43 15.65
CA PRO B 118 -7.10 23.98 15.83
C PRO B 118 -7.93 23.43 16.99
N VAL B 119 -8.66 22.34 16.77
CA VAL B 119 -9.44 21.66 17.83
C VAL B 119 -9.15 20.16 17.72
N HIS B 120 -9.57 19.36 18.69
CA HIS B 120 -9.21 17.91 18.67
C HIS B 120 -10.21 17.11 17.86
N GLN B 121 -11.42 17.61 17.67
CA GLN B 121 -12.42 16.77 16.97
C GLN B 121 -13.43 17.63 16.23
N GLY B 122 -14.21 17.04 15.31
CA GLY B 122 -15.28 17.79 14.65
C GLY B 122 -16.33 18.12 15.68
N ARG B 123 -16.55 17.21 16.64
CA ARG B 123 -17.45 17.55 17.72
C ARG B 123 -16.96 18.77 18.48
N ALA B 124 -15.66 18.81 18.80
CA ALA B 124 -15.13 19.93 19.55
C ALA B 124 -15.29 21.24 18.80
N ALA B 125 -15.24 21.21 17.47
CA ALA B 125 -15.33 22.45 16.71
C ALA B 125 -16.74 23.02 16.78
N GLU B 126 -17.75 22.16 16.70
CA GLU B 126 -19.13 22.60 16.88
C GLU B 126 -19.37 23.03 18.32
N LYS B 127 -18.96 22.20 19.28
CA LYS B 127 -19.03 22.56 20.70
C LYS B 127 -18.43 23.94 20.95
N VAL B 128 -17.32 24.27 20.30
CA VAL B 128 -16.69 25.56 20.60
C VAL B 128 -17.35 26.68 19.85
N LEU B 129 -17.67 26.49 18.57
CA LEU B 129 -18.12 27.59 17.72
C LEU B 129 -19.61 27.87 17.86
N PHE B 130 -20.45 26.82 17.81
CA PHE B 130 -21.90 27.03 17.73
C PHE B 130 -22.51 27.72 18.96
N PRO B 131 -22.05 27.46 20.19
CA PRO B 131 -22.63 28.16 21.34
C PRO B 131 -22.88 29.62 21.05
N THR B 132 -21.86 30.36 20.61
CA THR B 132 -22.02 31.83 20.43
C THR B 132 -23.41 32.25 19.91
N PHE B 133 -23.84 31.73 18.75
CA PHE B 133 -25.11 32.21 18.14
C PHE B 133 -26.28 31.25 18.42
N LEU B 134 -26.01 30.01 18.81
CA LEU B 134 -27.13 29.06 18.96
C LEU B 134 -27.76 29.16 20.35
N SER B 135 -28.30 30.32 20.68
CA SER B 135 -29.00 30.49 21.98
C SER B 135 -30.16 29.51 22.06
N PRO B 136 -30.32 28.73 23.15
CA PRO B 136 -31.46 27.83 23.31
C PRO B 136 -32.78 28.50 22.95
N LYS B 138 -33.45 28.87 19.63
CA LYS B 138 -33.20 29.26 18.22
C LYS B 138 -32.87 28.00 17.43
N PHE B 139 -33.17 28.00 16.12
CA PHE B 139 -32.93 26.83 15.30
C PHE B 139 -31.74 27.04 14.39
N ALA B 140 -31.18 25.92 13.94
CA ALA B 140 -30.25 25.86 12.84
C ALA B 140 -30.92 25.08 11.72
N ILE B 141 -30.71 25.52 10.48
CA ILE B 141 -31.19 24.78 9.33
C ILE B 141 -30.00 24.08 8.68
N SER B 142 -30.17 22.80 8.34
CA SER B 142 -29.11 21.97 7.77
C SER B 142 -29.62 21.25 6.53
N ASN B 143 -28.70 21.01 5.58
CA ASN B 143 -29.02 20.19 4.42
C ASN B 143 -28.94 18.71 4.74
N MET B 144 -28.70 18.31 6.00
CA MET B 144 -28.62 16.88 6.26
C MET B 144 -30.02 16.25 6.17
N PHE B 145 -30.02 14.91 6.11
CA PHE B 145 -31.27 14.20 5.92
C PHE B 145 -31.76 13.42 7.13
N PHE B 146 -30.95 13.26 8.17
CA PHE B 146 -31.37 12.59 9.38
C PHE B 146 -30.60 13.18 10.55
N ASP B 147 -31.04 12.83 11.76
CA ASP B 147 -30.35 13.24 12.98
C ASP B 147 -30.89 12.59 14.24
N HIS B 152 -31.60 21.86 18.15
CA HIS B 152 -32.83 22.31 17.51
C HIS B 152 -32.67 22.37 15.99
N VAL B 153 -32.33 21.24 15.35
CA VAL B 153 -32.00 21.23 13.94
C VAL B 153 -33.26 21.09 13.07
N ILE B 154 -33.32 21.88 12.00
CA ILE B 154 -34.33 21.72 10.95
C ILE B 154 -33.59 21.27 9.69
N LEU B 155 -34.10 20.22 9.03
CA LEU B 155 -33.44 19.67 7.85
C LEU B 155 -34.15 20.14 6.58
N ALA B 156 -33.37 20.49 5.56
CA ALA B 156 -34.03 20.94 4.33
C ALA B 156 -33.26 20.50 3.08
N GLY B 157 -32.53 19.38 3.15
CA GLY B 157 -31.98 18.76 1.96
C GLY B 157 -33.05 18.49 0.90
N ALA B 158 -32.66 18.57 -0.38
CA ALA B 158 -33.59 18.36 -1.47
C ALA B 158 -34.10 16.91 -1.45
N ARG B 159 -35.27 16.69 -2.04
CA ARG B 159 -35.79 15.31 -2.06
C ARG B 159 -35.05 14.42 -3.06
N PRO B 160 -34.27 13.39 -2.61
CA PRO B 160 -33.70 12.37 -3.49
C PRO B 160 -34.55 11.09 -3.52
N CYS B 175 -29.30 11.27 -10.99
CA CYS B 175 -29.23 12.71 -10.74
C CYS B 175 -27.95 13.15 -10.00
N LYS B 176 -27.45 14.36 -10.29
CA LYS B 176 -26.24 14.85 -9.65
C LYS B 176 -26.53 15.86 -8.54
N PHE B 177 -25.52 16.12 -7.72
CA PHE B 177 -25.60 17.02 -6.58
C PHE B 177 -26.88 16.81 -5.79
N LYS B 178 -26.96 15.63 -5.17
CA LYS B 178 -28.08 15.24 -4.33
C LYS B 178 -27.88 15.55 -2.85
N GLY B 179 -26.72 16.08 -2.45
CA GLY B 179 -26.59 16.65 -1.13
C GLY B 179 -27.07 18.07 -1.02
N ASN B 180 -27.53 18.64 -2.12
CA ASN B 180 -27.88 20.04 -2.20
C ASN B 180 -28.94 20.36 -1.17
N MET B 181 -28.94 21.61 -0.71
CA MET B 181 -29.96 22.10 0.27
C MET B 181 -31.14 22.63 -0.53
N ASP B 182 -32.36 22.35 -0.07
CA ASP B 182 -33.57 22.81 -0.78
C ASP B 182 -33.74 24.29 -0.47
N VAL B 183 -33.26 25.15 -1.36
CA VAL B 183 -33.20 26.58 -1.07
C VAL B 183 -34.61 27.14 -0.88
N GLU B 184 -35.55 26.76 -1.75
CA GLU B 184 -36.93 27.24 -1.59
C GLU B 184 -37.50 26.83 -0.24
N LYS B 185 -37.36 25.56 0.11
CA LYS B 185 -37.88 25.09 1.39
C LYS B 185 -37.17 25.76 2.55
N MET B 186 -35.86 26.01 2.42
CA MET B 186 -35.13 26.70 3.49
C MET B 186 -35.71 28.10 3.73
N GLU B 187 -35.97 28.84 2.66
CA GLU B 187 -36.53 30.18 2.83
C GLU B 187 -37.93 30.11 3.42
N LYS B 188 -38.73 29.15 2.97
CA LYS B 188 -40.01 28.88 3.62
C LYS B 188 -39.86 28.74 5.13
N ILE B 189 -38.96 27.85 5.57
CA ILE B 189 -38.75 27.61 7.01
C ILE B 189 -38.34 28.90 7.70
N ILE B 190 -37.35 29.62 7.15
CA ILE B 190 -36.85 30.84 7.79
C ILE B 190 -38.01 31.77 8.11
N LEU B 191 -38.91 31.95 7.14
CA LEU B 191 -40.06 32.80 7.37
C LEU B 191 -41.09 32.14 8.30
N GLU B 192 -41.27 30.81 8.20
CA GLU B 192 -42.23 30.16 9.08
C GLU B 192 -41.79 30.24 10.53
N LYS B 193 -40.48 30.13 10.79
CA LYS B 193 -39.99 30.33 12.15
C LYS B 193 -39.77 31.80 12.49
N GLY B 194 -39.61 32.66 11.49
CA GLY B 194 -39.15 34.01 11.72
C GLY B 194 -37.63 34.09 11.79
N PRO B 195 -37.03 34.93 10.95
CA PRO B 195 -35.57 35.04 10.93
C PRO B 195 -34.96 35.10 12.32
N GLU B 196 -35.56 35.89 13.19
CA GLU B 196 -35.15 35.98 14.60
C GLU B 196 -34.75 34.63 15.14
N ASN B 197 -35.53 33.61 14.83
CA ASN B 197 -35.40 32.32 15.51
C ASN B 197 -34.53 31.34 14.74
N ILE B 198 -33.98 31.75 13.61
CA ILE B 198 -32.97 30.99 12.89
C ILE B 198 -31.62 31.55 13.30
N GLY B 199 -30.85 30.75 14.05
CA GLY B 199 -29.56 31.14 14.60
C GLY B 199 -28.36 30.93 13.69
N LEU B 200 -28.26 29.79 13.01
CA LEU B 200 -27.29 29.68 11.91
C LEU B 200 -27.78 28.66 10.89
N ILE B 201 -27.14 28.67 9.74
CA ILE B 201 -27.43 27.75 8.66
C ILE B 201 -26.14 26.99 8.36
N VAL B 202 -26.25 25.68 8.21
CA VAL B 202 -25.09 24.82 8.05
C VAL B 202 -25.27 23.96 6.81
N MET B 203 -24.32 24.05 5.88
CA MET B 203 -24.25 23.15 4.76
C MET B 203 -23.12 22.15 5.01
N THR B 204 -23.47 20.86 5.00
CA THR B 204 -22.51 19.78 5.10
C THR B 204 -22.07 19.38 3.69
N ILE B 205 -20.75 19.40 3.47
CA ILE B 205 -20.15 19.00 2.15
C ILE B 205 -19.04 17.98 2.48
N THR B 206 -18.95 16.84 1.75
CA THR B 206 -20.09 16.14 1.10
C THR B 206 -21.20 15.85 2.10
N ASN B 207 -22.43 15.72 1.62
CA ASN B 207 -23.58 15.53 2.50
C ASN B 207 -23.58 14.09 2.96
N ASN B 208 -22.98 13.85 4.12
CA ASN B 208 -22.90 12.48 4.61
C ASN B 208 -24.28 11.84 4.71
N SER B 209 -25.24 12.49 5.39
CA SER B 209 -26.55 11.89 5.65
C SER B 209 -27.23 11.36 4.39
N ALA B 210 -26.77 11.79 3.21
CA ALA B 210 -27.29 11.35 1.93
C ALA B 210 -26.38 10.33 1.25
N GLY B 211 -25.31 9.89 1.91
CA GLY B 211 -24.40 8.90 1.36
C GLY B 211 -23.07 9.43 0.88
N GLY B 212 -22.77 10.70 1.15
CA GLY B 212 -21.68 11.38 0.47
C GLY B 212 -22.07 12.01 -0.84
N GLN B 213 -23.35 12.38 -1.02
CA GLN B 213 -23.78 13.08 -2.24
C GLN B 213 -23.27 14.52 -2.21
N PRO B 214 -22.69 15.01 -3.31
CA PRO B 214 -22.02 16.33 -3.26
C PRO B 214 -23.03 17.48 -3.31
N VAL B 215 -22.53 18.67 -2.98
CA VAL B 215 -23.28 19.92 -3.01
C VAL B 215 -22.73 20.79 -4.13
N SER B 216 -23.63 21.30 -4.96
CA SER B 216 -23.26 22.16 -6.07
C SER B 216 -22.68 23.49 -5.58
N MET B 217 -21.69 24.01 -6.33
CA MET B 217 -21.21 25.37 -6.08
C MET B 217 -22.34 26.39 -6.18
N LYS B 218 -23.30 26.13 -7.06
CA LYS B 218 -24.48 26.98 -7.19
C LYS B 218 -25.34 26.90 -5.94
N ASN B 219 -25.62 25.68 -5.46
CA ASN B 219 -26.40 25.52 -4.24
C ASN B 219 -25.84 26.33 -3.06
N ILE B 220 -24.50 26.29 -2.86
CA ILE B 220 -23.87 27.13 -1.84
C ILE B 220 -24.11 28.61 -2.14
N ARG B 221 -23.77 29.06 -3.34
CA ARG B 221 -23.97 30.46 -3.71
CA ARG B 221 -23.97 30.46 -3.68
C ARG B 221 -25.41 30.90 -3.45
N GLU B 222 -26.38 30.04 -3.77
CA GLU B 222 -27.79 30.39 -3.56
C GLU B 222 -28.17 30.37 -2.09
N THR B 223 -27.56 29.48 -1.30
CA THR B 223 -27.84 29.46 0.14
C THR B 223 -27.22 30.67 0.82
N SER B 224 -25.95 30.92 0.54
CA SER B 224 -25.28 32.14 0.98
C SER B 224 -26.12 33.39 0.72
N GLU B 225 -26.76 33.48 -0.46
CA GLU B 225 -27.44 34.73 -0.77
C GLU B 225 -28.69 34.92 0.09
N ILE B 226 -29.29 33.83 0.55
CA ILE B 226 -30.48 33.90 1.39
C ILE B 226 -30.11 34.17 2.84
N CYS B 227 -28.97 33.63 3.27
CA CYS B 227 -28.42 34.02 4.55
C CYS B 227 -28.19 35.53 4.60
N LYS B 228 -27.42 36.05 3.64
CA LYS B 228 -27.16 37.48 3.63
C LYS B 228 -28.45 38.27 3.66
N LYS B 229 -29.47 37.77 2.96
CA LYS B 229 -30.75 38.48 2.94
C LYS B 229 -31.33 38.64 4.34
N TYR B 230 -31.22 37.63 5.20
CA TYR B 230 -31.86 37.64 6.51
C TYR B 230 -30.88 37.80 7.67
N GLY B 231 -29.60 38.01 7.38
CA GLY B 231 -28.71 38.34 8.47
C GLY B 231 -28.46 37.13 9.33
N ILE B 232 -28.33 35.97 8.70
CA ILE B 232 -28.17 34.69 9.37
C ILE B 232 -26.77 34.19 9.08
N PRO B 233 -25.98 33.86 10.10
CA PRO B 233 -24.63 33.31 9.85
C PRO B 233 -24.69 31.99 9.09
N PHE B 234 -23.70 31.78 8.23
CA PHE B 234 -23.64 30.64 7.32
C PHE B 234 -22.34 29.90 7.64
N ASN B 235 -22.45 28.62 8.01
CA ASN B 235 -21.29 27.83 8.38
C ASN B 235 -21.24 26.61 7.47
N ILE B 236 -20.06 26.30 6.93
CA ILE B 236 -19.86 25.06 6.19
C ILE B 236 -19.30 24.00 7.13
N ASP B 237 -20.01 22.86 7.21
CA ASP B 237 -19.55 21.59 7.78
C ASP B 237 -18.65 20.89 6.77
N ALA B 238 -17.34 20.96 7.00
CA ALA B 238 -16.38 20.79 5.92
C ALA B 238 -15.58 19.48 5.99
N ALA B 239 -16.13 18.44 6.63
CA ALA B 239 -15.36 17.20 6.85
C ALA B 239 -14.90 16.56 5.54
N ARG B 240 -15.73 16.60 4.50
CA ARG B 240 -15.38 16.02 3.22
C ARG B 240 -15.39 17.08 2.10
N TYR B 241 -14.81 18.25 2.41
CA TYR B 241 -14.82 19.37 1.46
C TYR B 241 -14.06 19.05 0.16
N ALA B 242 -12.99 18.25 0.23
CA ALA B 242 -12.18 17.98 -0.97
C ALA B 242 -12.87 17.00 -1.88
N GLU B 243 -13.50 15.96 -1.32
CA GLU B 243 -14.28 15.02 -2.17
C GLU B 243 -15.37 15.84 -2.86
N ASN B 244 -15.96 16.79 -2.14
CA ASN B 244 -17.01 17.67 -2.73
C ASN B 244 -16.37 18.54 -3.83
N ALA B 245 -15.17 19.05 -3.58
CA ALA B 245 -14.47 19.90 -4.57
C ALA B 245 -14.28 19.12 -5.88
N TYR B 246 -13.81 17.87 -5.78
CA TYR B 246 -13.65 17.08 -6.98
C TYR B 246 -15.00 16.84 -7.66
N PHE B 247 -16.04 16.53 -6.88
CA PHE B 247 -17.35 16.31 -7.49
C PHE B 247 -17.80 17.51 -8.30
N ILE B 248 -17.58 18.72 -7.77
CA ILE B 248 -17.96 19.93 -8.50
C ILE B 248 -17.18 20.00 -9.79
N LYS B 249 -15.87 19.77 -9.70
CA LYS B 249 -15.04 19.78 -10.90
C LYS B 249 -15.53 18.76 -11.90
N ARG B 250 -15.92 17.56 -11.42
CA ARG B 250 -16.29 16.46 -12.31
C ARG B 250 -17.65 16.65 -12.96
N ASP B 251 -18.55 17.43 -12.37
CA ASP B 251 -19.95 17.41 -12.78
C ASP B 251 -20.60 18.78 -12.94
N GLU B 252 -20.09 19.83 -12.30
CA GLU B 252 -20.74 21.13 -12.40
C GLU B 252 -20.28 21.84 -13.66
N GLU B 253 -21.24 22.41 -14.38
CA GLU B 253 -20.98 22.98 -15.70
C GLU B 253 -19.95 24.10 -15.59
N GLY B 254 -18.86 23.96 -16.32
CA GLY B 254 -17.90 25.02 -16.40
C GLY B 254 -16.95 25.09 -15.24
N TYR B 255 -16.76 23.98 -14.53
CA TYR B 255 -15.69 23.85 -13.59
C TYR B 255 -14.69 22.79 -14.01
N GLN B 256 -14.93 22.08 -15.12
CA GLN B 256 -14.09 20.99 -15.59
C GLN B 256 -12.65 21.46 -15.64
N ASN B 257 -12.47 22.75 -15.93
CA ASN B 257 -11.19 23.38 -16.18
C ASN B 257 -10.61 24.11 -14.97
N LYS B 258 -11.38 24.35 -13.92
CA LYS B 258 -10.85 25.05 -12.77
C LYS B 258 -10.10 24.08 -11.88
N SER B 259 -9.18 24.60 -11.08
CA SER B 259 -8.39 23.75 -10.21
C SER B 259 -9.09 23.53 -8.89
N ILE B 260 -8.65 22.49 -8.17
CA ILE B 260 -9.23 22.19 -6.86
C ILE B 260 -8.94 23.35 -5.90
N LYS B 261 -7.70 23.86 -5.92
CA LYS B 261 -7.35 25.09 -5.19
C LYS B 261 -8.37 26.19 -5.34
N ASP B 262 -8.72 26.51 -6.59
CA ASP B 262 -9.68 27.58 -6.85
C ASP B 262 -11.09 27.17 -6.45
N ILE B 263 -11.44 25.92 -6.72
CA ILE B 263 -12.77 25.43 -6.41
C ILE B 263 -12.99 25.53 -4.90
N ILE B 264 -12.01 25.10 -4.10
CA ILE B 264 -12.17 25.13 -2.65
C ILE B 264 -12.22 26.57 -2.17
N ARG B 265 -11.37 27.42 -2.74
CA ARG B 265 -11.35 28.84 -2.29
C ARG B 265 -12.72 29.45 -2.56
N GLU B 266 -13.31 29.13 -3.71
CA GLU B 266 -14.64 29.67 -4.04
C GLU B 266 -15.72 29.19 -3.07
N THR B 267 -15.74 27.89 -2.78
CA THR B 267 -16.89 27.40 -2.01
C THR B 267 -16.84 27.94 -0.59
N PHE B 268 -15.65 28.24 -0.07
CA PHE B 268 -15.57 28.82 1.27
C PHE B 268 -15.70 30.33 1.26
N SER B 269 -15.56 30.97 0.11
CA SER B 269 -15.80 32.41 0.05
C SER B 269 -17.27 32.73 0.25
N TYR B 270 -18.15 31.75 0.10
CA TYR B 270 -19.58 31.99 0.21
C TYR B 270 -20.08 31.88 1.63
N ALA B 271 -19.23 31.42 2.53
CA ALA B 271 -19.56 31.14 3.91
C ALA B 271 -18.91 32.16 4.83
N ASP B 272 -19.31 32.12 6.10
CA ASP B 272 -18.82 33.00 7.15
C ASP B 272 -17.74 32.35 7.99
N MET B 273 -17.79 31.04 8.04
CA MET B 273 -17.02 30.26 8.99
C MET B 273 -17.19 28.82 8.52
N PHE B 274 -16.37 27.93 9.08
CA PHE B 274 -16.56 26.51 8.85
C PHE B 274 -16.11 25.78 10.09
N THR B 275 -16.68 24.60 10.29
CA THR B 275 -16.28 23.65 11.32
C THR B 275 -15.96 22.34 10.61
N MET B 276 -15.00 21.58 11.13
CA MET B 276 -14.76 20.33 10.42
C MET B 276 -14.01 19.34 11.29
N SER B 277 -14.42 18.07 11.21
CA SER B 277 -13.60 16.95 11.63
C SER B 277 -12.48 16.79 10.63
N ALA B 278 -11.22 16.94 11.07
CA ALA B 278 -10.13 16.73 10.12
C ALA B 278 -9.91 15.27 9.79
N LYS B 279 -10.54 14.36 10.56
CA LYS B 279 -10.29 12.91 10.40
C LYS B 279 -10.69 12.33 9.03
N LYS B 280 -11.25 13.13 8.12
CA LYS B 280 -11.72 12.58 6.85
C LYS B 280 -10.76 13.05 5.76
N ASP B 281 -11.15 14.03 4.95
CA ASP B 281 -10.40 14.48 3.81
C ASP B 281 -9.05 15.11 4.13
N THR B 282 -8.63 15.27 5.39
CA THR B 282 -7.26 15.74 5.58
C THR B 282 -6.31 14.58 5.81
N ILE B 283 -6.81 13.35 5.70
CA ILE B 283 -5.99 12.15 5.69
C ILE B 283 -5.15 12.11 6.95
N VAL B 284 -5.80 12.27 8.10
CA VAL B 284 -5.13 12.16 9.39
C VAL B 284 -5.97 11.22 10.27
N ASN B 285 -5.47 10.92 11.47
CA ASN B 285 -6.21 10.09 12.43
C ASN B 285 -6.76 10.87 13.61
N MET B 286 -6.43 12.15 13.74
CA MET B 286 -6.91 13.01 14.81
C MET B 286 -6.95 14.44 14.30
N GLY B 287 -7.93 15.21 14.75
CA GLY B 287 -7.99 16.62 14.45
C GLY B 287 -9.39 17.13 14.20
N GLY B 288 -9.62 18.40 14.54
CA GLY B 288 -10.74 19.17 14.05
C GLY B 288 -10.24 20.56 13.70
N LEU B 289 -11.12 21.38 13.14
CA LEU B 289 -10.59 22.67 12.73
C LEU B 289 -11.74 23.66 12.58
N ILE B 290 -11.64 24.84 13.20
CA ILE B 290 -12.59 25.94 13.01
C ILE B 290 -11.92 27.03 12.16
N GLY B 291 -12.67 27.56 11.20
CA GLY B 291 -12.24 28.75 10.47
C GLY B 291 -13.27 29.86 10.50
N VAL B 292 -12.80 31.09 10.68
CA VAL B 292 -13.63 32.29 10.58
C VAL B 292 -13.08 33.15 9.46
N LYS B 293 -13.93 33.54 8.51
CA LYS B 293 -13.45 34.19 7.29
C LYS B 293 -12.83 35.54 7.59
N ASP B 294 -13.62 36.43 8.20
CA ASP B 294 -13.23 37.83 8.35
C ASP B 294 -12.19 37.98 9.45
N PRO B 295 -10.99 38.54 9.15
CA PRO B 295 -9.90 38.50 10.15
C PRO B 295 -10.19 39.29 11.40
N GLN B 296 -11.01 40.35 11.29
CA GLN B 296 -11.39 41.21 12.41
C GLN B 296 -12.66 40.78 13.11
N SER B 297 -13.29 39.70 12.69
CA SER B 297 -14.57 39.31 13.27
C SER B 297 -14.45 39.29 14.80
N PRO B 298 -15.44 39.80 15.52
CA PRO B 298 -15.39 39.69 16.99
C PRO B 298 -15.69 38.29 17.48
N LEU B 299 -16.18 37.41 16.60
CA LEU B 299 -16.40 36.02 16.93
C LEU B 299 -15.11 35.33 17.43
N ILE B 300 -13.95 35.85 17.03
CA ILE B 300 -12.68 35.14 17.25
C ILE B 300 -12.35 35.04 18.73
N LEU B 301 -12.56 36.14 19.47
CA LEU B 301 -12.22 36.14 20.90
C LEU B 301 -13.10 35.19 21.69
N LYS B 302 -14.35 35.00 21.24
CA LYS B 302 -15.23 34.00 21.84
C LYS B 302 -14.73 32.60 21.53
N ILE B 303 -14.26 32.38 20.29
CA ILE B 303 -13.70 31.08 19.96
C ILE B 303 -12.50 30.79 20.85
N LYS B 304 -11.58 31.76 20.96
CA LYS B 304 -10.38 31.56 21.74
C LYS B 304 -10.71 31.32 23.19
N ALA B 305 -11.66 32.09 23.73
CA ALA B 305 -12.08 31.90 25.11
C ALA B 305 -12.79 30.56 25.30
N ASN B 306 -13.75 30.26 24.42
CA ASN B 306 -14.40 28.96 24.44
C ASN B 306 -13.39 27.82 24.41
N CYS B 307 -12.33 27.97 23.60
CA CYS B 307 -11.37 26.89 23.43
C CYS B 307 -10.49 26.73 24.67
N ILE B 308 -9.89 27.84 25.12
CA ILE B 308 -9.05 27.83 26.34
C ILE B 308 -9.75 27.07 27.45
N SER B 309 -11.06 27.18 27.51
CA SER B 309 -11.81 26.58 28.59
C SER B 309 -12.30 25.16 28.29
N TYR B 310 -12.71 24.86 27.05
CA TYR B 310 -13.22 23.52 26.77
C TYR B 310 -12.12 22.51 26.41
N GLU B 311 -11.13 22.92 25.62
CA GLU B 311 -10.09 22.04 25.11
C GLU B 311 -8.73 22.27 25.74
N GLY B 312 -8.35 23.54 25.90
CA GLY B 312 -7.04 23.89 26.38
C GLY B 312 -6.54 25.13 25.66
N PHE B 313 -5.33 25.58 25.97
CA PHE B 313 -4.81 26.80 25.36
C PHE B 313 -4.94 26.73 23.84
N PHE B 314 -5.29 27.86 23.22
CA PHE B 314 -5.74 27.85 21.84
C PHE B 314 -4.61 27.60 20.84
N THR B 315 -3.33 27.54 21.29
CA THR B 315 -2.26 27.13 20.37
C THR B 315 -2.02 25.61 20.34
N TYR B 316 -2.89 24.82 20.95
CA TYR B 316 -2.81 23.34 20.80
C TYR B 316 -4.24 22.85 20.67
N GLY B 317 -5.14 23.42 21.47
CA GLY B 317 -6.55 23.12 21.40
C GLY B 317 -6.87 21.64 21.45
N GLY B 318 -6.32 20.92 22.44
CA GLY B 318 -6.57 19.50 22.61
C GLY B 318 -5.80 18.57 21.70
N LEU B 319 -4.99 19.09 20.79
CA LEU B 319 -4.10 18.31 19.94
C LEU B 319 -2.68 18.35 20.47
N GLY B 320 -1.90 17.34 20.11
CA GLY B 320 -0.49 17.30 20.44
C GLY B 320 0.39 17.78 19.29
N GLY B 321 1.69 17.85 19.60
CA GLY B 321 2.67 18.19 18.59
C GLY B 321 2.55 17.34 17.34
N ARG B 322 2.52 16.00 17.52
CA ARG B 322 2.48 15.09 16.37
C ARG B 322 1.26 15.36 15.50
N ASP B 323 0.09 15.54 16.11
CA ASP B 323 -1.14 15.62 15.32
C ASP B 323 -1.30 16.96 14.61
N LEU B 324 -0.85 18.07 15.20
CA LEU B 324 -0.86 19.34 14.48
C LEU B 324 0.06 19.29 13.27
N GLU B 325 1.25 18.65 13.42
CA GLU B 325 2.15 18.44 12.29
C GLU B 325 1.48 17.64 11.20
N ALA B 326 1.03 16.42 11.54
CA ALA B 326 0.37 15.56 10.56
C ALA B 326 -0.75 16.31 9.86
N LEU B 327 -1.50 17.11 10.61
CA LEU B 327 -2.64 17.85 10.09
C LEU B 327 -2.22 18.92 9.09
N ALA B 328 -1.11 19.63 9.36
CA ALA B 328 -0.73 20.72 8.46
C ALA B 328 -0.26 20.17 7.12
N ILE B 329 0.43 19.02 7.15
CA ILE B 329 0.82 18.34 5.91
C ILE B 329 -0.39 17.68 5.25
N GLY B 330 -1.26 17.03 6.03
CA GLY B 330 -2.39 16.33 5.45
C GLY B 330 -3.34 17.24 4.72
N LEU B 331 -3.49 18.49 5.21
CA LEU B 331 -4.38 19.46 4.55
C LEU B 331 -4.16 19.48 3.06
N TYR B 332 -2.88 19.57 2.65
CA TYR B 332 -2.53 19.70 1.24
C TYR B 332 -2.57 18.37 0.51
N GLU B 333 -2.11 17.30 1.14
CA GLU B 333 -2.21 15.99 0.52
C GLU B 333 -3.66 15.67 0.13
N GLY B 334 -4.62 15.91 1.03
CA GLY B 334 -6.00 15.54 0.78
C GLY B 334 -6.68 16.29 -0.36
N ILE B 335 -6.09 17.40 -0.84
CA ILE B 335 -6.67 18.20 -1.92
C ILE B 335 -5.85 18.13 -3.20
N ASP B 336 -4.80 17.30 -3.24
CA ASP B 336 -4.05 17.08 -4.48
C ASP B 336 -4.92 16.55 -5.59
N GLU B 337 -4.72 17.09 -6.79
CA GLU B 337 -5.61 16.76 -7.88
C GLU B 337 -5.46 15.30 -8.32
N ASP B 338 -4.21 14.81 -8.32
CA ASP B 338 -3.95 13.40 -8.64
C ASP B 338 -4.58 12.46 -7.63
N TYR B 339 -4.48 12.78 -6.34
CA TYR B 339 -5.10 11.96 -5.30
C TYR B 339 -6.62 11.90 -5.47
N LEU B 340 -7.26 13.05 -5.69
CA LEU B 340 -8.72 13.09 -5.70
C LEU B 340 -9.29 12.37 -6.91
N LYS B 341 -8.60 12.42 -8.05
CA LYS B 341 -9.01 11.62 -9.22
C LYS B 341 -8.92 10.13 -8.92
N TYR B 342 -7.86 9.73 -8.21
CA TYR B 342 -7.72 8.36 -7.72
C TYR B 342 -8.80 8.03 -6.69
N ARG B 343 -9.02 8.91 -5.70
CA ARG B 343 -10.05 8.63 -4.69
C ARG B 343 -11.41 8.40 -5.33
N ASN B 344 -11.82 9.29 -6.23
CA ASN B 344 -13.09 9.12 -6.91
C ASN B 344 -13.10 7.87 -7.80
N GLY B 345 -11.94 7.51 -8.35
CA GLY B 345 -11.84 6.28 -9.10
C GLY B 345 -12.14 5.04 -8.29
N GLN B 346 -11.53 4.91 -7.09
CA GLN B 346 -11.95 3.84 -6.17
C GLN B 346 -13.44 3.64 -6.17
N MET B 347 -14.19 4.75 -6.10
CA MET B 347 -15.63 4.66 -5.86
C MET B 347 -16.36 4.33 -7.15
N GLU B 348 -15.95 4.95 -8.26
CA GLU B 348 -16.53 4.61 -9.55
C GLU B 348 -16.36 3.14 -9.87
N TYR B 349 -15.15 2.62 -9.62
CA TYR B 349 -14.87 1.21 -9.83
C TYR B 349 -15.81 0.33 -9.03
N LEU B 350 -15.88 0.54 -7.71
CA LEU B 350 -16.74 -0.30 -6.87
C LEU B 350 -18.17 -0.31 -7.37
N ALA B 351 -18.74 0.87 -7.63
CA ALA B 351 -20.09 0.97 -8.13
C ALA B 351 -20.25 0.25 -9.45
N SER B 352 -19.30 0.47 -10.36
CA SER B 352 -19.30 -0.23 -11.64
C SER B 352 -19.44 -1.74 -11.43
N ARG B 353 -18.68 -2.30 -10.49
CA ARG B 353 -18.80 -3.73 -10.18
C ARG B 353 -20.18 -4.08 -9.65
N LEU B 354 -20.68 -3.29 -8.70
CA LEU B 354 -22.05 -3.52 -8.16
C LEU B 354 -23.06 -3.54 -9.31
N ASP B 355 -22.89 -2.64 -10.29
CA ASP B 355 -23.84 -2.54 -11.42
C ASP B 355 -23.72 -3.76 -12.33
N ASP B 356 -22.49 -4.26 -12.53
CA ASP B 356 -22.27 -5.46 -13.38
C ASP B 356 -23.08 -6.63 -12.82
N ALA B 357 -23.21 -6.71 -11.48
CA ALA B 357 -23.93 -7.81 -10.86
C ALA B 357 -25.38 -7.46 -10.57
N GLY B 358 -25.83 -6.25 -10.91
CA GLY B 358 -27.19 -5.87 -10.61
C GLY B 358 -27.46 -5.69 -9.14
N ILE B 359 -26.44 -5.36 -8.36
CA ILE B 359 -26.62 -5.09 -6.93
C ILE B 359 -27.19 -3.68 -6.79
N ALA B 360 -28.22 -3.54 -5.96
CA ALA B 360 -28.88 -2.27 -5.71
C ALA B 360 -28.13 -1.51 -4.63
N TYR B 361 -27.53 -0.39 -4.98
CA TYR B 361 -26.86 0.47 -4.01
C TYR B 361 -27.45 1.86 -4.12
N GLN B 362 -27.02 2.74 -3.19
CA GLN B 362 -27.62 4.06 -3.03
C GLN B 362 -26.93 4.91 -4.11
N ALA B 363 -27.59 5.20 -5.21
CA ALA B 363 -26.86 5.78 -6.33
C ALA B 363 -27.17 7.25 -6.49
N PRO B 364 -26.32 8.01 -7.19
CA PRO B 364 -24.97 7.67 -7.62
C PRO B 364 -24.10 7.48 -6.40
N ILE B 365 -22.95 6.80 -6.52
CA ILE B 365 -22.16 6.49 -5.34
C ILE B 365 -21.52 7.77 -4.81
N GLY B 366 -21.50 7.93 -3.48
CA GLY B 366 -20.97 9.12 -2.86
C GLY B 366 -19.45 9.17 -2.93
N GLY B 367 -18.86 10.15 -2.23
CA GLY B 367 -17.43 10.34 -2.32
C GLY B 367 -16.58 9.40 -1.49
N HIS B 368 -17.17 8.74 -0.48
CA HIS B 368 -16.35 8.08 0.52
C HIS B 368 -16.77 6.66 0.87
N GLY B 369 -17.76 6.08 0.18
CA GLY B 369 -18.12 4.70 0.40
C GLY B 369 -19.39 4.33 -0.35
N ALA B 370 -19.92 3.16 0.00
CA ALA B 370 -21.07 2.60 -0.69
C ALA B 370 -22.14 2.22 0.33
N PHE B 371 -23.39 2.53 0.00
CA PHE B 371 -24.53 2.13 0.83
C PHE B 371 -25.31 1.09 0.08
N ILE B 372 -25.33 -0.12 0.60
CA ILE B 372 -25.94 -1.23 -0.11
C ILE B 372 -27.37 -1.35 0.40
N ASP B 373 -28.32 -1.25 -0.55
CA ASP B 373 -29.75 -1.40 -0.19
C ASP B 373 -29.95 -2.79 0.39
N ALA B 374 -30.01 -2.89 1.71
CA ALA B 374 -30.13 -4.17 2.40
C ALA B 374 -31.54 -4.73 2.26
N LYS B 375 -32.57 -3.87 2.30
CA LYS B 375 -33.93 -4.37 2.08
C LYS B 375 -34.10 -4.85 0.65
N ALA B 376 -33.44 -4.19 -0.31
CA ALA B 376 -33.46 -4.66 -1.69
C ALA B 376 -32.96 -6.09 -1.78
N MET B 377 -32.02 -6.46 -0.92
CA MET B 377 -31.41 -7.77 -1.01
C MET B 377 -32.01 -8.78 -0.03
N PHE B 378 -32.83 -8.34 0.93
CA PHE B 378 -33.48 -9.23 1.89
C PHE B 378 -34.90 -8.73 2.12
N PRO B 379 -35.80 -8.98 1.15
CA PRO B 379 -37.21 -8.69 1.40
C PRO B 379 -37.83 -9.64 2.42
N GLN B 380 -37.44 -10.91 2.38
CA GLN B 380 -37.90 -11.89 3.39
C GLN B 380 -37.58 -11.36 4.79
N ILE B 381 -36.71 -10.36 4.89
CA ILE B 381 -36.28 -9.82 6.17
C ILE B 381 -37.05 -8.52 6.44
N PRO B 382 -37.98 -8.50 7.39
CA PRO B 382 -38.69 -7.26 7.75
C PRO B 382 -37.84 -6.30 8.55
N TYR B 383 -38.27 -5.04 8.59
CA TYR B 383 -37.43 -3.98 9.14
C TYR B 383 -36.99 -4.29 10.56
N ASN B 384 -37.90 -4.80 11.38
CA ASN B 384 -37.65 -5.04 12.80
C ASN B 384 -36.82 -6.27 13.06
N GLU B 385 -36.51 -7.06 12.04
CA GLU B 385 -35.50 -8.09 12.13
C GLU B 385 -34.18 -7.65 11.52
N TYR B 386 -34.10 -6.41 11.01
CA TYR B 386 -32.84 -5.75 10.71
C TYR B 386 -32.14 -6.30 9.47
N PRO B 387 -32.65 -6.01 8.28
CA PRO B 387 -31.97 -6.49 7.07
C PRO B 387 -30.56 -5.94 6.93
N GLY B 388 -30.32 -4.72 7.41
CA GLY B 388 -28.99 -4.16 7.32
C GLY B 388 -27.99 -4.84 8.24
N GLN B 389 -28.46 -5.41 9.35
CA GLN B 389 -27.55 -6.08 10.27
C GLN B 389 -27.25 -7.50 9.86
N VAL B 390 -28.13 -8.11 9.07
CA VAL B 390 -27.88 -9.44 8.52
C VAL B 390 -26.87 -9.39 7.38
N LEU B 391 -27.02 -8.42 6.49
CA LEU B 391 -26.05 -8.26 5.41
C LEU B 391 -24.66 -7.91 5.96
N ALA B 392 -24.60 -7.18 7.08
CA ALA B 392 -23.31 -6.77 7.62
C ALA B 392 -22.64 -7.91 8.36
N ILE B 393 -23.42 -8.75 9.03
CA ILE B 393 -22.93 -10.03 9.53
C ILE B 393 -22.51 -10.95 8.40
N GLU B 394 -23.32 -11.05 7.34
CA GLU B 394 -22.95 -11.97 6.26
C GLU B 394 -21.68 -11.54 5.55
N LEU B 395 -21.43 -10.23 5.41
CA LEU B 395 -20.20 -9.79 4.78
C LEU B 395 -19.00 -10.11 5.64
N TYR B 396 -19.14 -10.02 6.97
CA TYR B 396 -18.05 -10.43 7.83
C TYR B 396 -17.91 -11.94 7.93
N ILE B 397 -18.98 -12.70 7.64
CA ILE B 397 -18.81 -14.14 7.52
C ILE B 397 -18.09 -14.47 6.21
N GLU B 398 -18.47 -13.82 5.12
CA GLU B 398 -18.03 -14.21 3.78
C GLU B 398 -16.59 -13.82 3.46
N ALA B 399 -16.03 -12.84 4.17
CA ALA B 399 -14.80 -12.27 3.66
C ALA B 399 -14.07 -11.42 4.70
N GLY B 400 -14.60 -11.38 5.93
CA GLY B 400 -13.95 -10.62 6.97
C GLY B 400 -14.03 -9.12 6.76
N ILE B 401 -15.09 -8.66 6.12
CA ILE B 401 -15.35 -7.23 5.91
C ILE B 401 -16.29 -6.74 7.02
N ARG B 402 -15.81 -5.79 7.83
CA ARG B 402 -16.65 -5.15 8.83
C ARG B 402 -17.36 -3.95 8.22
N THR B 403 -18.70 -3.99 8.28
CA THR B 403 -19.53 -2.88 7.84
C THR B 403 -20.46 -2.55 9.00
N CYS B 404 -21.39 -1.61 8.85
CA CYS B 404 -22.42 -1.47 9.88
C CYS B 404 -23.76 -1.21 9.22
N ASP B 405 -24.82 -1.42 10.00
CA ASP B 405 -26.18 -1.14 9.59
C ASP B 405 -26.50 0.34 9.68
N ILE B 406 -27.12 0.87 8.61
CA ILE B 406 -27.66 2.27 8.64
C ILE B 406 -29.15 2.06 8.37
N GLY B 407 -29.88 1.50 9.34
CA GLY B 407 -31.28 1.17 9.13
C GLY B 407 -31.97 1.04 10.46
N SER B 408 -33.00 0.19 10.48
CA SER B 408 -33.79 0.03 11.70
C SER B 408 -32.90 -0.22 12.90
N TYR B 409 -31.99 -1.20 12.80
CA TYR B 409 -31.16 -1.53 13.96
C TYR B 409 -30.52 -0.27 14.53
N MET B 410 -29.82 0.47 13.69
CA MET B 410 -29.17 1.70 14.11
C MET B 410 -30.11 2.59 14.90
N LEU B 411 -31.26 2.89 14.32
CA LEU B 411 -32.09 3.96 14.81
C LEU B 411 -32.93 3.59 16.02
N GLY B 412 -32.87 2.36 16.51
CA GLY B 412 -33.39 2.03 17.81
C GLY B 412 -34.84 2.39 18.05
N ASN B 413 -35.29 2.24 19.30
CA ASN B 413 -36.70 2.31 19.64
C ASN B 413 -37.17 3.76 19.72
N ASP B 414 -38.48 3.92 20.00
CA ASP B 414 -39.04 5.26 20.15
C ASP B 414 -38.65 5.85 21.51
N PRO B 415 -38.32 7.13 21.54
CA PRO B 415 -37.99 7.80 22.82
C PRO B 415 -38.91 7.43 23.96
N ASP B 416 -40.22 7.39 23.69
CA ASP B 416 -41.22 7.21 24.75
C ASP B 416 -41.93 5.87 24.70
N THR B 417 -42.07 5.26 23.51
CA THR B 417 -42.71 3.96 23.37
C THR B 417 -41.74 2.81 23.65
N GLY B 418 -40.55 2.85 23.03
CA GLY B 418 -39.62 1.75 23.05
C GLY B 418 -39.85 0.71 21.98
N LYS B 419 -40.99 0.76 21.29
CA LYS B 419 -41.22 -0.10 20.14
C LYS B 419 -40.24 0.24 19.04
N GLN B 420 -39.82 -0.79 18.30
CA GLN B 420 -38.84 -0.59 17.25
C GLN B 420 -39.36 0.41 16.22
N LEU B 421 -38.58 1.45 15.95
CA LEU B 421 -38.88 2.36 14.87
C LEU B 421 -38.65 1.67 13.53
N GLU B 422 -39.48 2.01 12.54
CA GLU B 422 -39.32 1.49 11.18
C GLU B 422 -38.51 2.51 10.37
N ALA B 423 -37.21 2.26 10.25
CA ALA B 423 -36.36 3.12 9.46
C ALA B 423 -36.99 3.39 8.09
N ASP B 424 -36.69 4.56 7.54
CA ASP B 424 -37.19 4.90 6.22
C ASP B 424 -36.49 4.09 5.14
N PHE B 425 -35.19 3.83 5.32
CA PHE B 425 -34.37 3.07 4.39
C PHE B 425 -33.55 2.05 5.16
N GLU B 426 -33.19 0.95 4.49
CA GLU B 426 -32.34 -0.11 5.05
C GLU B 426 -31.07 -0.22 4.22
N PHE B 427 -29.92 0.07 4.84
CA PHE B 427 -28.64 0.09 4.14
C PHE B 427 -27.56 -0.62 4.95
N THR B 428 -26.46 -0.96 4.26
CA THR B 428 -25.23 -1.39 4.91
C THR B 428 -24.08 -0.54 4.40
N ARG B 429 -23.41 0.17 5.31
CA ARG B 429 -22.44 1.20 4.92
C ARG B 429 -21.05 0.60 4.81
N LEU B 430 -20.44 0.78 3.65
CA LEU B 430 -19.04 0.47 3.42
C LEU B 430 -18.30 1.80 3.42
N ALA B 431 -17.65 2.14 4.53
CA ALA B 431 -16.97 3.42 4.70
C ALA B 431 -15.47 3.27 4.51
N ILE B 432 -14.92 3.91 3.48
CA ILE B 432 -13.60 3.55 2.94
C ILE B 432 -12.56 4.52 3.49
N PRO B 433 -11.66 4.07 4.37
CA PRO B 433 -10.54 4.93 4.76
C PRO B 433 -9.64 5.22 3.56
N ARG B 434 -8.84 6.28 3.65
CA ARG B 434 -8.10 6.77 2.51
C ARG B 434 -6.70 6.15 2.45
N ARG B 435 -6.28 5.77 1.23
CA ARG B 435 -4.95 5.23 0.93
C ARG B 435 -4.63 3.96 1.74
N VAL B 436 -5.65 3.21 2.15
CA VAL B 436 -5.46 2.01 2.95
C VAL B 436 -5.67 0.72 2.14
N TYR B 437 -6.56 0.71 1.16
CA TYR B 437 -6.96 -0.51 0.49
C TYR B 437 -6.71 -0.42 -1.02
N THR B 438 -6.46 -1.58 -1.62
CA THR B 438 -6.05 -1.67 -3.00
C THR B 438 -7.20 -2.16 -3.88
N GLN B 439 -7.02 -2.02 -5.19
CA GLN B 439 -8.01 -2.54 -6.12
C GLN B 439 -8.39 -3.96 -5.75
N SER B 440 -7.41 -4.77 -5.36
CA SER B 440 -7.66 -6.14 -4.92
C SER B 440 -8.66 -6.16 -3.78
N HIS B 441 -8.39 -5.39 -2.74
CA HIS B 441 -9.31 -5.27 -1.61
C HIS B 441 -10.68 -4.84 -2.06
N PHE B 442 -10.75 -3.91 -3.01
CA PHE B 442 -12.04 -3.49 -3.54
C PHE B 442 -12.72 -4.67 -4.23
N ASP B 443 -11.95 -5.51 -4.93
CA ASP B 443 -12.54 -6.67 -5.57
C ASP B 443 -13.06 -7.68 -4.54
N VAL B 444 -12.36 -7.83 -3.42
CA VAL B 444 -12.87 -8.65 -2.31
C VAL B 444 -14.25 -8.15 -1.91
N MET B 445 -14.39 -6.82 -1.76
CA MET B 445 -15.66 -6.22 -1.37
C MET B 445 -16.77 -6.56 -2.37
N ALA B 446 -16.59 -6.15 -3.63
CA ALA B 446 -17.56 -6.48 -4.67
C ALA B 446 -17.86 -7.98 -4.68
N ASP B 447 -16.82 -8.82 -4.61
CA ASP B 447 -17.03 -10.26 -4.64
C ASP B 447 -17.93 -10.71 -3.49
N ALA B 448 -17.71 -10.16 -2.30
CA ALA B 448 -18.46 -10.58 -1.12
C ALA B 448 -19.90 -10.14 -1.19
N ILE B 449 -20.17 -8.97 -1.78
CA ILE B 449 -21.55 -8.53 -1.95
C ILE B 449 -22.27 -9.44 -2.95
N ILE B 450 -21.67 -9.68 -4.13
CA ILE B 450 -22.30 -10.58 -5.09
C ILE B 450 -22.59 -11.94 -4.45
N GLU B 451 -21.58 -12.56 -3.82
CA GLU B 451 -21.81 -13.88 -3.25
C GLU B 451 -22.92 -13.86 -2.22
N VAL B 452 -22.91 -12.89 -1.30
CA VAL B 452 -23.97 -12.84 -0.30
C VAL B 452 -25.31 -12.65 -1.00
N SER B 453 -25.37 -11.72 -1.95
CA SER B 453 -26.55 -11.59 -2.80
C SER B 453 -27.08 -12.95 -3.25
N LYS B 454 -26.21 -13.75 -3.87
CA LYS B 454 -26.64 -14.99 -4.52
C LYS B 454 -27.33 -15.94 -3.54
N ARG B 455 -26.84 -15.96 -2.29
CA ARG B 455 -27.40 -16.90 -1.29
C ARG B 455 -28.24 -16.16 -0.25
N ALA B 456 -28.77 -14.98 -0.60
CA ALA B 456 -29.55 -14.23 0.36
C ALA B 456 -30.91 -14.86 0.56
N HIS B 457 -31.41 -15.54 -0.48
CA HIS B 457 -32.78 -16.15 -0.41
C HIS B 457 -32.81 -17.34 0.53
N GLU B 458 -31.66 -17.77 1.02
CA GLU B 458 -31.60 -18.97 1.90
C GLU B 458 -31.77 -18.52 3.36
N ILE B 459 -31.68 -17.21 3.60
CA ILE B 459 -31.92 -16.68 4.97
C ILE B 459 -33.35 -16.13 4.98
N LYS B 460 -34.21 -16.60 5.88
CA LYS B 460 -35.64 -16.20 5.83
C LYS B 460 -36.03 -15.49 7.13
N ARG B 461 -35.08 -15.28 8.03
CA ARG B 461 -35.41 -14.68 9.34
C ARG B 461 -34.17 -13.97 9.91
N GLY B 462 -34.29 -12.68 10.24
CA GLY B 462 -33.15 -11.93 10.75
C GLY B 462 -32.87 -12.10 12.23
N TYR B 463 -32.49 -11.01 12.90
CA TYR B 463 -31.98 -11.06 14.26
C TYR B 463 -32.90 -10.34 15.23
N LYS B 464 -32.55 -10.44 16.52
CA LYS B 464 -33.43 -9.97 17.60
C LYS B 464 -32.59 -9.50 18.78
N ILE B 465 -32.62 -8.19 19.08
CA ILE B 465 -32.01 -7.66 20.30
C ILE B 465 -32.32 -8.53 21.51
N ILE B 466 -31.28 -9.06 22.15
CA ILE B 466 -31.41 -9.79 23.40
C ILE B 466 -31.31 -8.79 24.53
N TRP B 467 -30.16 -8.14 24.61
CA TRP B 467 -29.84 -7.10 25.58
C TRP B 467 -29.69 -5.77 24.86
N GLU B 468 -29.93 -4.69 25.59
CA GLU B 468 -29.96 -3.38 24.92
C GLU B 468 -29.88 -2.30 25.99
N PRO B 469 -29.14 -1.23 25.78
CA PRO B 469 -29.23 -0.08 26.65
C PRO B 469 -30.40 0.79 26.25
N PRO B 470 -30.70 1.82 27.02
CA PRO B 470 -31.84 2.68 26.67
C PRO B 470 -31.55 3.60 25.50
N ILE B 471 -30.32 4.09 25.44
CA ILE B 471 -29.89 4.99 24.39
C ILE B 471 -28.63 4.44 23.76
N LEU B 472 -28.47 4.66 22.45
CA LEU B 472 -27.24 4.32 21.76
C LEU B 472 -27.09 2.81 21.53
N ARG B 473 -28.20 2.07 21.48
CA ARG B 473 -28.11 0.63 21.60
C ARG B 473 -27.25 0.04 20.52
N HIS B 474 -27.29 0.60 19.28
CA HIS B 474 -26.77 -0.08 18.07
C HIS B 474 -25.29 -0.35 18.21
N PHE B 475 -24.68 0.54 18.94
CA PHE B 475 -23.25 0.41 19.22
C PHE B 475 -22.94 -0.81 20.08
N GLN B 476 -23.72 -1.00 21.14
CA GLN B 476 -23.39 -1.91 22.23
C GLN B 476 -24.45 -2.97 22.53
N ALA B 477 -25.53 -3.03 21.75
CA ALA B 477 -26.56 -4.04 21.94
C ALA B 477 -26.00 -5.44 21.69
N SER B 478 -26.78 -6.44 22.06
CA SER B 478 -26.44 -7.84 21.87
C SER B 478 -27.53 -8.49 21.04
N LEU B 479 -27.13 -9.14 19.96
CA LEU B 479 -28.09 -9.69 19.01
C LEU B 479 -28.08 -11.21 19.07
N ALA B 480 -28.97 -11.81 18.27
CA ALA B 480 -29.02 -13.25 18.05
C ALA B 480 -30.06 -13.57 17.00
N PRO B 481 -29.95 -14.70 16.30
CA PRO B 481 -30.88 -15.02 15.20
C PRO B 481 -32.16 -15.72 15.67
N ILE B 482 -33.07 -16.01 14.75
CA ILE B 482 -34.32 -16.68 15.15
C ILE B 482 -34.52 -17.97 14.35
#